data_5USW
#
_entry.id   5USW
#
_cell.length_a   91.953
_cell.length_b   65.881
_cell.length_c   94.942
_cell.angle_alpha   90.00
_cell.angle_beta   105.83
_cell.angle_gamma   90.00
#
_symmetry.space_group_name_H-M   'P 1 21 1'
#
loop_
_entity.id
_entity.type
_entity.pdbx_description
1 polymer 'Dihydropteroate synthase'
2 non-polymer GLYCEROL
3 non-polymer 'FORMIC ACID'
4 non-polymer 'ACETATE ION'
5 water water
#
_entity_poly.entity_id   1
_entity_poly.type   'polypeptide(L)'
_entity_poly.pdbx_seq_one_letter_code
;SNA(MSE)KLISKNKSLLLDRSHV(MSE)GILNVTPDSFSDGGQFTHLDAALKQAEK(MSE)VKAGVSFIDIGGESTRPG
APEVSLQEELDRVLPIIEAIHQRFDTWISIDTSKAVV(MSE)EEAVKVGADLINDVRALQEPNALKVAAEANVPVCL
(MSE)H(MSE)QGQPRT(MSE)QTNPSYQDLFTDISSFLSERIDACQSVGIAKDKLILDPGFGFGKTLAHNYQLLAELER
FHQFGLPLLAG(MSE)SRKS(MSE)VFKLLDVEPK(MSE)ALSGSLACATIAA(MSE)KGAQIIRVHDFEQT(MSE)DIV
KVCQATLEQSPH
;
_entity_poly.pdbx_strand_id   A,B,C,D
#
# COMPACT_ATOMS: atom_id res chain seq x y z
N ALA A 3 41.73 14.49 6.68
CA ALA A 3 40.55 13.74 6.23
C ALA A 3 40.64 13.37 4.75
N LYS A 5 39.72 12.63 0.81
CA LYS A 5 38.94 13.21 -0.28
C LYS A 5 38.51 12.09 -1.21
N LEU A 6 37.23 12.03 -1.53
CA LEU A 6 36.72 11.05 -2.47
C LEU A 6 36.54 11.74 -3.83
N ILE A 7 37.09 11.15 -4.89
CA ILE A 7 37.16 11.77 -6.20
C ILE A 7 36.47 10.88 -7.23
N SER A 8 35.56 11.47 -7.99
CA SER A 8 34.90 10.79 -9.10
C SER A 8 35.00 11.70 -10.31
N LYS A 9 35.96 11.41 -11.19
CA LYS A 9 36.23 12.27 -12.34
C LYS A 9 36.30 13.72 -11.91
N ASN A 10 35.38 14.56 -12.38
CA ASN A 10 35.46 15.99 -12.06
C ASN A 10 34.87 16.37 -10.69
N LYS A 11 34.30 15.43 -9.95
CA LYS A 11 33.66 15.76 -8.68
C LYS A 11 34.55 15.34 -7.51
N SER A 12 34.44 16.05 -6.39
CA SER A 12 35.25 15.79 -5.22
C SER A 12 34.40 16.01 -3.98
N LEU A 13 34.58 15.15 -2.98
CA LEU A 13 33.90 15.31 -1.70
C LEU A 13 34.91 15.09 -0.60
N LEU A 14 34.96 16.02 0.34
CA LEU A 14 35.83 15.93 1.49
C LEU A 14 35.11 15.15 2.59
N LEU A 15 35.66 13.99 2.96
CA LEU A 15 34.98 13.16 3.95
C LEU A 15 35.51 13.48 5.35
N ASP A 16 35.25 14.73 5.78
CA ASP A 16 35.66 15.19 7.10
C ASP A 16 34.53 15.13 8.12
N ARG A 17 33.49 14.38 7.80
CA ARG A 17 32.24 14.33 8.56
C ARG A 17 31.41 13.22 7.95
N SER A 18 30.30 12.89 8.58
CA SER A 18 29.40 11.90 7.99
C SER A 18 28.54 12.54 6.90
N HIS A 19 28.52 11.92 5.74
CA HIS A 19 27.67 12.31 4.60
C HIS A 19 26.49 11.34 4.51
N VAL A 20 25.34 11.83 4.11
CA VAL A 20 24.17 10.99 3.98
C VAL A 20 23.97 10.55 2.53
N GLY A 22 20.99 8.97 0.34
CA GLY A 22 19.57 8.65 0.35
C GLY A 22 19.22 7.55 -0.62
N ILE A 23 18.42 6.59 -0.15
CA ILE A 23 18.01 5.47 -1.00
C ILE A 23 16.82 5.92 -1.87
N LEU A 24 16.99 5.90 -3.20
CA LEU A 24 15.90 6.22 -4.12
C LEU A 24 15.59 4.93 -4.90
N ASN A 25 14.65 4.17 -4.43
CA ASN A 25 14.29 2.96 -5.16
C ASN A 25 13.34 3.35 -6.30
N VAL A 26 13.59 2.81 -7.46
CA VAL A 26 12.83 3.32 -8.59
C VAL A 26 11.86 2.25 -9.05
N THR A 27 11.46 1.36 -8.13
CA THR A 27 10.37 0.44 -8.48
C THR A 27 9.11 1.26 -8.78
N PRO A 28 8.51 1.11 -9.95
CA PRO A 28 7.28 1.86 -10.25
C PRO A 28 6.10 1.40 -9.40
N ASP A 29 5.13 2.30 -9.27
CA ASP A 29 3.91 1.85 -8.61
C ASP A 29 3.10 0.97 -9.56
N SER A 30 2.00 0.43 -9.06
CA SER A 30 1.28 -0.55 -9.85
C SER A 30 0.55 0.06 -11.04
N PHE A 31 0.54 1.38 -11.22
CA PHE A 31 -0.06 1.98 -12.40
C PHE A 31 0.98 2.53 -13.36
N SER A 32 2.25 2.25 -13.16
CA SER A 32 3.28 2.86 -13.97
C SER A 32 4.27 1.84 -14.48
N ASP A 33 5.00 2.24 -15.52
CA ASP A 33 6.14 1.50 -16.03
C ASP A 33 7.38 2.37 -15.94
N GLY A 34 8.54 1.72 -15.87
CA GLY A 34 9.78 2.48 -15.82
C GLY A 34 9.89 3.40 -17.03
N GLY A 35 10.31 4.63 -16.77
CA GLY A 35 10.51 5.56 -17.84
C GLY A 35 9.32 6.42 -18.16
N GLN A 36 8.12 6.03 -17.72
N GLN A 36 8.12 6.03 -17.73
CA GLN A 36 6.92 6.79 -18.02
CA GLN A 36 6.93 6.81 -18.06
C GLN A 36 6.94 8.11 -17.25
C GLN A 36 6.91 8.10 -17.25
N PHE A 37 6.08 9.04 -17.70
CA PHE A 37 6.07 10.37 -17.06
C PHE A 37 5.91 10.29 -15.54
N THR A 38 4.88 9.59 -15.04
CA THR A 38 4.63 9.64 -13.61
C THR A 38 5.77 8.99 -12.84
N HIS A 39 6.41 7.99 -13.42
CA HIS A 39 7.51 7.31 -12.74
C HIS A 39 8.70 8.25 -12.56
N LEU A 40 9.06 8.97 -13.63
N LEU A 40 9.06 8.95 -13.64
CA LEU A 40 10.18 9.91 -13.57
CA LEU A 40 10.15 9.92 -13.58
C LEU A 40 9.85 11.11 -12.70
C LEU A 40 9.82 11.05 -12.64
N ASP A 41 8.61 11.60 -12.78
CA ASP A 41 8.19 12.73 -11.95
C ASP A 41 8.33 12.40 -10.48
N ALA A 42 7.80 11.25 -10.07
CA ALA A 42 7.89 10.87 -8.67
C ALA A 42 9.35 10.75 -8.24
N ALA A 43 10.21 10.16 -9.09
CA ALA A 43 11.61 10.04 -8.69
C ALA A 43 12.28 11.39 -8.59
N LEU A 44 12.01 12.28 -9.54
CA LEU A 44 12.65 13.58 -9.54
C LEU A 44 12.22 14.43 -8.37
N LYS A 45 10.95 14.36 -7.97
CA LYS A 45 10.51 15.07 -6.78
C LYS A 45 11.22 14.56 -5.54
N GLN A 46 11.44 13.24 -5.41
CA GLN A 46 12.20 12.72 -4.29
C GLN A 46 13.64 13.20 -4.36
N ALA A 47 14.26 13.13 -5.54
CA ALA A 47 15.65 13.59 -5.67
C ALA A 47 15.78 15.06 -5.29
N GLU A 48 14.83 15.90 -5.71
CA GLU A 48 14.88 17.30 -5.34
C GLU A 48 14.76 17.51 -3.83
N LYS A 49 13.95 16.69 -3.13
CA LYS A 49 13.88 16.79 -1.67
C LYS A 49 15.20 16.40 -1.05
N VAL A 51 18.20 16.70 -2.44
CA VAL A 51 19.18 17.76 -2.69
C VAL A 51 18.96 18.92 -1.72
N LYS A 52 17.70 19.33 -1.57
N LYS A 52 17.70 19.32 -1.54
CA LYS A 52 17.38 20.42 -0.66
CA LYS A 52 17.37 20.43 -0.66
C LYS A 52 17.79 20.11 0.78
C LYS A 52 17.68 20.12 0.80
N ALA A 53 17.63 18.84 1.21
CA ALA A 53 17.96 18.48 2.58
C ALA A 53 19.46 18.43 2.84
N GLY A 54 20.29 18.41 1.79
CA GLY A 54 21.75 18.32 1.96
C GLY A 54 22.33 16.93 1.83
N VAL A 55 21.55 15.99 1.32
CA VAL A 55 22.07 14.66 1.01
C VAL A 55 23.26 14.75 0.06
N SER A 56 24.30 13.95 0.32
CA SER A 56 25.49 13.98 -0.55
C SER A 56 25.45 12.98 -1.68
N PHE A 57 24.75 11.85 -1.53
CA PHE A 57 24.66 10.85 -2.58
C PHE A 57 23.21 10.44 -2.73
N ILE A 58 22.78 10.26 -3.97
CA ILE A 58 21.46 9.69 -4.28
C ILE A 58 21.68 8.28 -4.81
N ASP A 59 21.21 7.24 -4.07
CA ASP A 59 21.53 5.84 -4.42
C ASP A 59 20.35 5.27 -5.18
N ILE A 60 20.55 5.04 -6.46
CA ILE A 60 19.49 4.62 -7.37
C ILE A 60 19.56 3.12 -7.48
N GLY A 61 18.47 2.43 -7.13
CA GLY A 61 18.48 1.00 -7.23
C GLY A 61 17.23 0.50 -7.92
N GLY A 62 17.39 -0.41 -8.87
CA GLY A 62 16.33 -0.95 -9.71
C GLY A 62 15.80 -2.29 -9.29
N GLU A 63 16.26 -2.82 -8.14
CA GLU A 63 15.70 -4.04 -7.55
C GLU A 63 14.22 -3.83 -7.20
N SER A 64 13.41 -4.85 -7.48
CA SER A 64 11.97 -4.72 -7.23
C SER A 64 11.68 -4.73 -5.72
N THR A 65 10.96 -3.71 -5.25
CA THR A 65 10.42 -3.70 -3.89
C THR A 65 8.96 -4.12 -3.83
N ARG A 66 8.39 -4.59 -4.97
CA ARG A 66 7.02 -5.10 -5.13
C ARG A 66 7.00 -6.63 -5.11
N PRO A 67 6.88 -7.26 -3.94
CA PRO A 67 6.90 -8.74 -3.90
C PRO A 67 5.80 -9.39 -4.71
N GLY A 68 4.70 -8.67 -5.02
CA GLY A 68 3.61 -9.20 -5.84
C GLY A 68 3.82 -9.10 -7.34
N ALA A 69 4.87 -8.42 -7.78
CA ALA A 69 5.23 -8.40 -9.20
C ALA A 69 6.09 -9.62 -9.52
N PRO A 70 5.69 -10.46 -10.47
CA PRO A 70 6.37 -11.78 -10.60
C PRO A 70 7.86 -11.66 -10.93
N GLU A 71 8.25 -10.76 -11.83
CA GLU A 71 9.63 -10.69 -12.29
C GLU A 71 9.90 -9.32 -12.92
N VAL A 72 11.18 -9.02 -13.09
CA VAL A 72 11.64 -7.76 -13.71
C VAL A 72 12.74 -8.11 -14.70
N SER A 73 12.49 -7.85 -15.99
CA SER A 73 13.47 -8.13 -17.02
C SER A 73 14.64 -7.15 -16.91
N LEU A 74 15.78 -7.53 -17.52
CA LEU A 74 16.94 -6.64 -17.48
C LEU A 74 16.61 -5.32 -18.16
N GLN A 75 15.96 -5.40 -19.32
CA GLN A 75 15.53 -4.18 -20.00
C GLN A 75 14.63 -3.34 -19.14
N GLU A 76 13.68 -3.96 -18.42
CA GLU A 76 12.83 -3.22 -17.52
C GLU A 76 13.65 -2.52 -16.44
N GLU A 77 14.65 -3.22 -15.89
CA GLU A 77 15.47 -2.59 -14.88
C GLU A 77 16.22 -1.40 -15.46
N LEU A 78 16.76 -1.55 -16.69
CA LEU A 78 17.44 -0.42 -17.31
C LEU A 78 16.45 0.69 -17.60
N ASP A 79 15.24 0.32 -18.09
CA ASP A 79 14.21 1.32 -18.35
C ASP A 79 13.82 2.07 -17.09
N ARG A 80 14.03 1.49 -15.92
N ARG A 80 13.95 1.44 -15.93
CA ARG A 80 13.67 2.13 -14.66
CA ARG A 80 13.70 2.11 -14.66
C ARG A 80 14.79 2.99 -14.08
C ARG A 80 14.81 3.10 -14.35
N VAL A 81 16.05 2.61 -14.28
CA VAL A 81 17.14 3.39 -13.69
C VAL A 81 17.70 4.45 -14.66
N LEU A 82 17.82 4.13 -15.96
CA LEU A 82 18.60 5.04 -16.84
C LEU A 82 17.94 6.41 -17.04
N PRO A 83 16.63 6.49 -17.26
CA PRO A 83 16.03 7.83 -17.42
C PRO A 83 16.15 8.67 -16.16
N ILE A 84 16.07 8.05 -14.97
CA ILE A 84 16.14 8.81 -13.74
C ILE A 84 17.54 9.32 -13.52
N ILE A 85 18.54 8.46 -13.75
CA ILE A 85 19.92 8.90 -13.62
C ILE A 85 20.21 10.06 -14.59
N GLU A 86 19.78 9.92 -15.85
N GLU A 86 19.80 9.91 -15.84
CA GLU A 86 20.04 10.98 -16.82
CA GLU A 86 20.01 10.97 -16.84
C GLU A 86 19.41 12.30 -16.38
C GLU A 86 19.41 12.28 -16.35
N ALA A 87 18.16 12.24 -15.87
CA ALA A 87 17.48 13.49 -15.51
C ALA A 87 18.13 14.15 -14.30
N ILE A 88 18.53 13.36 -13.29
CA ILE A 88 19.16 13.93 -12.11
C ILE A 88 20.52 14.52 -12.48
N HIS A 89 21.28 13.77 -13.27
CA HIS A 89 22.62 14.20 -13.66
C HIS A 89 22.58 15.54 -14.37
N GLN A 90 21.55 15.75 -15.18
CA GLN A 90 21.49 16.97 -15.97
C GLN A 90 21.05 18.17 -15.16
N ARG A 91 20.41 17.93 -14.02
CA ARG A 91 19.81 18.97 -13.20
C ARG A 91 20.56 19.31 -11.92
N PHE A 92 21.33 18.38 -11.38
CA PHE A 92 21.94 18.53 -10.05
C PHE A 92 23.39 18.06 -10.04
N ASP A 93 24.21 18.74 -9.20
CA ASP A 93 25.63 18.37 -9.04
C ASP A 93 25.80 17.23 -8.06
N THR A 94 24.74 16.88 -7.35
CA THR A 94 24.80 15.83 -6.34
C THR A 94 25.34 14.53 -6.92
N TRP A 95 26.12 13.81 -6.11
CA TRP A 95 26.61 12.51 -6.56
C TRP A 95 25.48 11.52 -6.74
N ILE A 96 25.52 10.75 -7.81
CA ILE A 96 24.58 9.64 -8.05
C ILE A 96 25.34 8.34 -7.91
N SER A 97 24.80 7.46 -7.06
N SER A 97 24.82 7.43 -7.09
CA SER A 97 25.27 6.08 -6.92
CA SER A 97 25.37 6.09 -6.95
C SER A 97 24.33 5.14 -7.66
C SER A 97 24.38 5.06 -7.51
N ILE A 98 24.89 4.15 -8.34
CA ILE A 98 24.09 3.08 -8.94
C ILE A 98 24.25 1.85 -8.05
N ASP A 99 23.13 1.36 -7.54
CA ASP A 99 23.12 0.22 -6.65
C ASP A 99 22.88 -1.03 -7.51
N THR A 100 23.96 -1.73 -7.87
CA THR A 100 23.82 -2.90 -8.72
C THR A 100 25.07 -3.75 -8.57
N SER A 101 24.93 -5.03 -8.94
N SER A 101 24.91 -5.04 -8.94
CA SER A 101 26.08 -5.91 -9.11
CA SER A 101 26.01 -5.99 -9.09
C SER A 101 26.31 -6.29 -10.57
C SER A 101 26.12 -6.50 -10.53
N LYS A 102 25.39 -5.92 -11.46
CA LYS A 102 25.41 -6.35 -12.85
C LYS A 102 26.32 -5.45 -13.66
N ALA A 103 27.31 -6.06 -14.30
CA ALA A 103 28.25 -5.30 -15.12
C ALA A 103 27.52 -4.44 -16.19
N VAL A 104 26.49 -4.99 -16.83
CA VAL A 104 25.78 -4.21 -17.86
C VAL A 104 25.11 -2.99 -17.27
N VAL A 105 24.48 -3.13 -16.09
CA VAL A 105 23.86 -1.97 -15.48
C VAL A 105 24.91 -0.94 -15.03
N GLU A 107 27.84 -0.34 -16.40
CA GLU A 107 28.37 0.31 -17.60
C GLU A 107 27.40 1.35 -18.13
N GLU A 108 26.13 0.97 -18.25
CA GLU A 108 25.15 1.88 -18.85
C GLU A 108 24.85 3.05 -17.93
N ALA A 109 24.84 2.79 -16.61
CA ALA A 109 24.50 3.82 -15.64
C ALA A 109 25.57 4.89 -15.58
N VAL A 110 26.85 4.48 -15.56
CA VAL A 110 27.94 5.46 -15.56
C VAL A 110 27.90 6.28 -16.85
N LYS A 111 27.55 5.66 -17.97
CA LYS A 111 27.52 6.41 -19.23
C LYS A 111 26.53 7.56 -19.20
N VAL A 112 25.41 7.44 -18.47
CA VAL A 112 24.42 8.51 -18.41
C VAL A 112 24.55 9.35 -17.14
N GLY A 113 25.58 9.11 -16.33
CA GLY A 113 25.93 10.06 -15.29
C GLY A 113 26.15 9.55 -13.87
N ALA A 114 26.04 8.24 -13.62
CA ALA A 114 26.33 7.76 -12.26
C ALA A 114 27.79 8.07 -11.90
N ASP A 115 28.01 8.46 -10.63
CA ASP A 115 29.33 8.86 -10.12
C ASP A 115 29.98 7.80 -9.26
N LEU A 116 29.27 6.76 -8.88
CA LEU A 116 29.77 5.83 -7.86
C LEU A 116 29.01 4.54 -8.05
N ILE A 117 29.68 3.41 -7.87
CA ILE A 117 29.04 2.11 -7.99
C ILE A 117 28.95 1.51 -6.60
N ASN A 118 27.74 1.13 -6.14
CA ASN A 118 27.53 0.53 -4.82
C ASN A 118 27.20 -0.94 -5.07
N ASP A 119 28.15 -1.84 -4.77
CA ASP A 119 28.01 -3.25 -5.17
C ASP A 119 28.04 -4.20 -3.99
N VAL A 120 26.86 -4.73 -3.66
N VAL A 120 26.88 -4.75 -3.62
CA VAL A 120 26.72 -5.74 -2.63
CA VAL A 120 26.88 -5.70 -2.53
C VAL A 120 27.65 -6.92 -2.88
C VAL A 120 27.63 -6.98 -2.87
N ARG A 121 27.96 -7.20 -4.13
CA ARG A 121 28.79 -8.36 -4.48
C ARG A 121 30.28 -7.99 -4.72
N ALA A 122 30.69 -6.76 -4.42
CA ALA A 122 32.09 -6.32 -4.40
C ALA A 122 32.83 -6.66 -5.68
N LEU A 123 32.20 -6.34 -6.80
CA LEU A 123 32.77 -6.54 -8.15
C LEU A 123 33.18 -7.98 -8.45
N GLN A 124 32.48 -8.97 -7.89
CA GLN A 124 32.81 -10.36 -8.13
C GLN A 124 31.96 -10.98 -9.23
N GLU A 125 30.91 -10.30 -9.71
CA GLU A 125 30.13 -10.87 -10.82
C GLU A 125 30.94 -10.80 -12.11
N PRO A 126 30.62 -11.67 -13.07
CA PRO A 126 31.35 -11.67 -14.34
C PRO A 126 31.41 -10.29 -14.96
N ASN A 127 32.63 -9.89 -15.34
CA ASN A 127 32.91 -8.63 -16.02
C ASN A 127 32.78 -7.39 -15.14
N ALA A 128 32.39 -7.50 -13.84
CA ALA A 128 32.09 -6.28 -13.08
C ALA A 128 33.36 -5.54 -12.78
N LEU A 129 34.45 -6.27 -12.49
CA LEU A 129 35.72 -5.62 -12.22
C LEU A 129 36.22 -4.85 -13.43
N LYS A 130 36.15 -5.48 -14.61
CA LYS A 130 36.58 -4.81 -15.84
C LYS A 130 35.75 -3.56 -16.11
N VAL A 131 34.42 -3.66 -15.98
CA VAL A 131 33.56 -2.52 -16.28
C VAL A 131 33.78 -1.39 -15.27
N ALA A 132 33.96 -1.72 -13.97
CA ALA A 132 34.23 -0.67 -12.97
C ALA A 132 35.56 0.02 -13.26
N ALA A 133 36.57 -0.73 -13.71
CA ALA A 133 37.84 -0.12 -14.06
C ALA A 133 37.68 0.84 -15.22
N GLU A 134 36.96 0.43 -16.27
CA GLU A 134 36.72 1.31 -17.41
C GLU A 134 35.87 2.51 -17.02
N ALA A 135 35.00 2.34 -16.03
CA ALA A 135 34.12 3.42 -15.64
C ALA A 135 34.87 4.55 -14.94
N ASN A 136 35.96 4.22 -14.25
CA ASN A 136 36.81 5.20 -13.59
C ASN A 136 36.03 5.99 -12.53
N VAL A 137 35.19 5.31 -11.79
CA VAL A 137 34.46 5.91 -10.65
C VAL A 137 34.77 5.13 -9.40
N PRO A 138 34.55 5.72 -8.23
CA PRO A 138 34.72 4.99 -6.99
C PRO A 138 33.67 3.88 -6.85
N VAL A 139 34.03 2.90 -6.03
CA VAL A 139 33.21 1.71 -5.83
C VAL A 139 33.09 1.42 -4.35
N CYS A 140 31.86 1.23 -3.88
N CYS A 140 31.86 1.20 -3.89
CA CYS A 140 31.68 0.66 -2.55
CA CYS A 140 31.63 0.63 -2.58
C CYS A 140 31.59 -0.85 -2.64
C CYS A 140 31.63 -0.88 -2.69
N LEU A 141 32.51 -1.53 -1.95
CA LEU A 141 32.57 -2.99 -1.88
C LEU A 141 31.95 -3.44 -0.58
N HIS A 143 31.31 -6.41 2.20
CA HIS A 143 31.75 -7.73 2.65
C HIS A 143 30.51 -8.53 3.06
N GLN A 145 29.89 -11.75 4.77
CA GLN A 145 30.48 -12.88 5.47
C GLN A 145 29.65 -14.15 5.30
N GLY A 146 30.33 -15.28 5.18
CA GLY A 146 29.62 -16.54 5.21
C GLY A 146 29.29 -16.94 6.64
N GLN A 147 29.82 -18.07 7.11
CA GLN A 147 29.41 -18.52 8.42
C GLN A 147 29.91 -17.54 9.47
N PRO A 148 29.25 -17.46 10.61
CA PRO A 148 29.81 -16.69 11.73
C PRO A 148 31.10 -17.36 12.20
N ARG A 149 31.95 -16.58 12.86
CA ARG A 149 33.24 -17.07 13.33
C ARG A 149 33.39 -16.52 14.73
N THR A 150 33.38 -17.38 15.73
CA THR A 150 33.37 -16.85 17.08
C THR A 150 34.79 -16.53 17.56
N GLN A 152 37.76 -17.10 19.88
N GLN A 152 37.77 -17.05 19.87
CA GLN A 152 38.28 -18.17 20.72
CA GLN A 152 38.34 -18.14 20.67
C GLN A 152 38.23 -17.79 22.20
C GLN A 152 38.32 -17.80 22.16
N THR A 153 38.60 -16.55 22.52
CA THR A 153 38.73 -16.21 23.94
C THR A 153 37.39 -16.00 24.62
N ASN A 154 36.34 -15.69 23.87
CA ASN A 154 34.99 -15.59 24.43
C ASN A 154 33.98 -15.79 23.30
N PRO A 155 33.55 -17.04 23.06
CA PRO A 155 32.70 -17.34 21.90
C PRO A 155 31.29 -16.79 21.99
N SER A 156 30.93 -16.07 23.06
CA SER A 156 29.73 -15.26 22.99
C SER A 156 29.85 -14.17 21.97
N TYR A 157 31.06 -13.81 21.59
CA TYR A 157 31.28 -12.73 20.62
C TYR A 157 31.85 -13.27 19.32
N GLN A 158 31.75 -12.44 18.28
CA GLN A 158 32.26 -12.74 16.96
C GLN A 158 33.69 -12.28 16.80
N ASP A 159 34.45 -13.03 15.99
CA ASP A 159 35.68 -12.54 15.37
C ASP A 159 35.24 -11.71 14.18
N LEU A 160 35.30 -10.39 14.30
CA LEU A 160 34.78 -9.53 13.24
C LEU A 160 35.80 -9.25 12.14
N PHE A 161 37.05 -9.68 12.29
CA PHE A 161 38.11 -9.15 11.44
C PHE A 161 38.80 -10.18 10.55
N THR A 162 38.77 -11.47 10.90
CA THR A 162 39.56 -12.43 10.13
C THR A 162 39.05 -12.54 8.71
N ASP A 163 37.74 -12.74 8.55
CA ASP A 163 37.22 -12.93 7.18
C ASP A 163 37.29 -11.65 6.35
N ILE A 164 36.98 -10.50 6.94
CA ILE A 164 36.97 -9.29 6.13
C ILE A 164 38.39 -8.91 5.75
N SER A 165 39.37 -9.25 6.59
CA SER A 165 40.74 -8.90 6.26
C SER A 165 41.20 -9.66 5.03
N SER A 166 40.87 -10.95 4.96
CA SER A 166 41.24 -11.76 3.81
C SER A 166 40.52 -11.28 2.56
N PHE A 167 39.21 -11.02 2.71
CA PHE A 167 38.39 -10.49 1.63
C PHE A 167 38.98 -9.21 1.07
N LEU A 168 39.33 -8.28 1.95
CA LEU A 168 39.76 -6.97 1.49
C LEU A 168 41.11 -7.05 0.81
N SER A 169 42.04 -7.81 1.36
CA SER A 169 43.32 -7.86 0.70
C SER A 169 43.20 -8.45 -0.70
N GLU A 170 42.32 -9.45 -0.86
CA GLU A 170 42.14 -10.03 -2.20
C GLU A 170 41.48 -9.03 -3.15
N ARG A 171 40.46 -8.33 -2.68
CA ARG A 171 39.75 -7.37 -3.53
C ARG A 171 40.63 -6.19 -3.90
N ILE A 172 41.42 -5.66 -2.93
CA ILE A 172 42.29 -4.54 -3.26
C ILE A 172 43.33 -4.97 -4.30
N ASP A 173 43.86 -6.20 -4.14
CA ASP A 173 44.79 -6.72 -5.14
C ASP A 173 44.13 -6.88 -6.50
N ALA A 174 42.89 -7.41 -6.54
CA ALA A 174 42.20 -7.54 -7.82
C ALA A 174 41.95 -6.17 -8.46
N CYS A 175 41.50 -5.19 -7.67
CA CYS A 175 41.28 -3.83 -8.17
C CYS A 175 42.57 -3.25 -8.73
N GLN A 176 43.68 -3.45 -7.99
CA GLN A 176 44.96 -2.92 -8.46
C GLN A 176 45.35 -3.52 -9.80
N SER A 177 45.01 -4.78 -10.04
N SER A 177 44.96 -4.77 -10.04
CA SER A 177 45.46 -5.39 -11.29
CA SER A 177 45.36 -5.51 -11.25
C SER A 177 44.79 -4.75 -12.50
C SER A 177 44.65 -5.03 -12.51
N VAL A 178 43.57 -4.26 -12.36
CA VAL A 178 42.85 -3.66 -13.48
C VAL A 178 42.95 -2.15 -13.44
N GLY A 179 43.75 -1.61 -12.51
CA GLY A 179 44.01 -0.20 -12.47
C GLY A 179 43.13 0.62 -11.56
N ILE A 180 42.38 -0.01 -10.66
CA ILE A 180 41.56 0.71 -9.69
C ILE A 180 42.40 0.88 -8.44
N ALA A 181 42.75 2.12 -8.14
CA ALA A 181 43.58 2.40 -6.99
C ALA A 181 42.76 2.30 -5.71
N LYS A 182 43.49 2.10 -4.60
CA LYS A 182 42.83 1.90 -3.33
C LYS A 182 42.01 3.11 -2.93
N ASP A 183 42.44 4.33 -3.32
CA ASP A 183 41.65 5.51 -2.95
C ASP A 183 40.32 5.62 -3.70
N LYS A 184 40.00 4.70 -4.63
CA LYS A 184 38.68 4.68 -5.23
C LYS A 184 37.72 3.77 -4.46
N LEU A 185 38.16 3.11 -3.41
CA LEU A 185 37.34 2.08 -2.76
C LEU A 185 36.67 2.60 -1.48
N ILE A 186 35.45 2.13 -1.24
CA ILE A 186 34.70 2.38 -0.01
C ILE A 186 34.29 1.04 0.57
N LEU A 187 34.34 0.91 1.89
CA LEU A 187 34.07 -0.39 2.54
C LEU A 187 32.72 -0.35 3.23
N ASP A 188 31.84 -1.26 2.84
CA ASP A 188 30.59 -1.50 3.58
C ASP A 188 30.76 -2.82 4.33
N PRO A 189 30.78 -2.83 5.66
CA PRO A 189 31.03 -4.11 6.37
C PRO A 189 29.83 -5.03 6.37
N GLY A 190 28.66 -4.58 5.92
CA GLY A 190 27.69 -5.56 5.57
C GLY A 190 26.72 -5.93 6.68
N PHE A 191 26.13 -4.92 7.30
CA PHE A 191 25.05 -5.21 8.24
C PHE A 191 23.94 -6.02 7.58
N GLY A 192 23.38 -6.97 8.33
CA GLY A 192 22.34 -7.83 7.81
C GLY A 192 22.85 -9.12 7.17
N PHE A 193 22.21 -9.53 6.08
CA PHE A 193 22.61 -10.69 5.30
C PHE A 193 22.78 -11.94 6.15
N GLY A 194 21.75 -12.23 6.98
CA GLY A 194 21.70 -13.45 7.76
C GLY A 194 22.34 -13.43 9.13
N LYS A 195 22.98 -12.32 9.50
CA LYS A 195 23.63 -12.23 10.82
C LYS A 195 22.58 -12.23 11.92
N THR A 196 22.96 -12.78 13.07
CA THR A 196 22.11 -12.63 14.27
C THR A 196 22.04 -11.18 14.73
N LEU A 197 21.07 -10.92 15.63
CA LEU A 197 21.01 -9.60 16.23
C LEU A 197 22.31 -9.28 16.97
N ALA A 198 22.82 -10.26 17.74
CA ALA A 198 24.06 -10.05 18.49
C ALA A 198 25.20 -9.63 17.56
N HIS A 199 25.36 -10.38 16.46
CA HIS A 199 26.45 -10.14 15.52
C HIS A 199 26.33 -8.76 14.91
N ASN A 200 25.13 -8.41 14.43
CA ASN A 200 24.91 -7.05 13.88
C ASN A 200 25.24 -5.95 14.90
N TYR A 201 24.78 -6.09 16.15
CA TYR A 201 25.07 -5.02 17.12
C TYR A 201 26.53 -5.05 17.59
N GLN A 202 27.21 -6.19 17.49
CA GLN A 202 28.66 -6.18 17.77
C GLN A 202 29.41 -5.42 16.68
N LEU A 203 28.98 -5.61 15.43
CA LEU A 203 29.55 -4.89 14.30
C LEU A 203 29.36 -3.40 14.52
N LEU A 204 28.18 -3.00 14.98
CA LEU A 204 27.97 -1.57 15.24
C LEU A 204 28.83 -1.12 16.43
N ALA A 205 28.86 -1.92 17.49
CA ALA A 205 29.62 -1.57 18.69
C ALA A 205 31.10 -1.33 18.38
N GLU A 206 31.64 -2.06 17.40
CA GLU A 206 33.06 -2.00 17.07
C GLU A 206 33.31 -1.30 15.73
N LEU A 207 32.36 -0.51 15.24
CA LEU A 207 32.46 -0.02 13.87
C LEU A 207 33.70 0.84 13.67
N GLU A 208 34.09 1.61 14.71
CA GLU A 208 35.25 2.48 14.55
C GLU A 208 36.54 1.69 14.29
N ARG A 209 36.60 0.41 14.67
CA ARG A 209 37.82 -0.35 14.42
C ARG A 209 37.99 -0.65 12.94
N PHE A 210 36.91 -0.51 12.14
CA PHE A 210 37.03 -0.80 10.73
C PHE A 210 37.77 0.32 9.99
N HIS A 211 37.97 1.48 10.62
CA HIS A 211 38.82 2.49 9.98
C HIS A 211 40.26 2.03 9.82
N GLN A 212 40.65 0.94 10.48
CA GLN A 212 42.01 0.43 10.37
C GLN A 212 42.36 0.01 8.96
N PHE A 213 41.36 -0.34 8.13
CA PHE A 213 41.67 -0.79 6.79
C PHE A 213 42.02 0.36 5.85
N GLY A 214 41.83 1.60 6.29
CA GLY A 214 42.27 2.76 5.49
C GLY A 214 41.30 3.19 4.42
N LEU A 215 40.11 2.70 4.44
CA LEU A 215 39.09 3.04 3.45
C LEU A 215 37.95 3.77 4.15
N PRO A 216 37.28 4.69 3.47
CA PRO A 216 36.05 5.25 4.04
C PRO A 216 35.02 4.16 4.23
N LEU A 217 34.19 4.35 5.25
CA LEU A 217 33.20 3.36 5.64
C LEU A 217 31.81 3.81 5.19
N LEU A 218 31.02 2.86 4.69
CA LEU A 218 29.60 3.09 4.41
C LEU A 218 28.83 2.21 5.39
N ALA A 219 27.98 2.81 6.20
CA ALA A 219 27.12 2.02 7.09
C ALA A 219 25.69 2.09 6.58
N GLY A 220 25.09 0.91 6.34
CA GLY A 220 23.73 0.81 5.86
C GLY A 220 22.91 -0.06 6.80
N SER A 222 19.58 1.10 7.82
CA SER A 222 18.23 1.66 7.74
C SER A 222 17.14 0.62 7.49
N ARG A 223 16.18 0.52 8.42
CA ARG A 223 15.02 -0.34 8.34
C ARG A 223 15.37 -1.82 8.21
N LYS A 224 16.57 -2.22 8.63
CA LYS A 224 16.96 -3.61 8.49
C LYS A 224 16.46 -4.39 9.71
N SER A 225 16.50 -5.72 9.57
CA SER A 225 15.92 -6.55 10.61
C SER A 225 16.60 -6.34 11.94
N VAL A 227 17.08 -3.67 13.31
CA VAL A 227 16.24 -2.69 13.97
C VAL A 227 14.84 -3.26 14.21
N PHE A 228 14.14 -3.70 13.15
CA PHE A 228 12.75 -4.01 13.45
C PHE A 228 12.56 -5.31 14.25
N LYS A 229 13.49 -6.27 14.20
CA LYS A 229 13.31 -7.45 15.02
C LYS A 229 13.69 -7.18 16.47
N LEU A 230 14.69 -6.32 16.70
CA LEU A 230 14.99 -5.93 18.08
C LEU A 230 13.79 -5.27 18.73
N LEU A 231 13.10 -4.43 17.98
CA LEU A 231 12.00 -3.65 18.52
C LEU A 231 10.67 -4.38 18.39
N ASP A 232 10.64 -5.51 17.66
CA ASP A 232 9.44 -6.31 17.37
C ASP A 232 8.36 -5.45 16.73
N VAL A 233 8.73 -4.81 15.62
CA VAL A 233 7.83 -3.95 14.83
C VAL A 233 8.00 -4.31 13.36
N GLU A 234 7.10 -3.72 12.50
CA GLU A 234 7.22 -3.87 11.06
C GLU A 234 8.29 -2.92 10.53
N PRO A 235 8.98 -3.28 9.45
CA PRO A 235 10.03 -2.39 8.95
C PRO A 235 9.53 -0.97 8.73
N LYS A 236 8.22 -0.77 8.54
CA LYS A 236 7.71 0.60 8.41
C LYS A 236 7.61 1.35 9.74
N ALA A 238 10.10 1.40 11.76
CA ALA A 238 11.48 1.32 12.26
C ALA A 238 12.27 2.64 12.20
N LEU A 239 11.61 3.78 12.02
CA LEU A 239 12.37 5.04 11.87
C LEU A 239 13.25 5.32 13.08
N SER A 240 12.67 5.38 14.29
CA SER A 240 13.45 5.84 15.44
C SER A 240 14.64 4.95 15.69
N GLY A 241 14.43 3.63 15.59
CA GLY A 241 15.53 2.72 15.79
C GLY A 241 16.60 2.93 14.74
N SER A 242 16.19 3.21 13.49
CA SER A 242 17.16 3.44 12.42
C SER A 242 17.98 4.68 12.71
N LEU A 243 17.33 5.72 13.25
CA LEU A 243 18.05 6.96 13.60
C LEU A 243 19.04 6.70 14.70
N ALA A 244 18.70 5.85 15.68
CA ALA A 244 19.71 5.59 16.72
C ALA A 244 20.92 4.89 16.12
N CYS A 245 20.72 3.90 15.25
CA CYS A 245 21.85 3.22 14.59
C CYS A 245 22.71 4.21 13.81
N ALA A 246 22.06 5.10 13.04
CA ALA A 246 22.77 6.13 12.29
C ALA A 246 23.57 7.05 13.22
N THR A 247 23.01 7.40 14.38
CA THR A 247 23.75 8.27 15.33
C THR A 247 24.99 7.55 15.88
N ILE A 248 24.85 6.28 16.24
CA ILE A 248 26.00 5.56 16.75
C ILE A 248 27.06 5.43 15.67
N ALA A 249 26.65 5.11 14.43
CA ALA A 249 27.61 5.02 13.31
C ALA A 249 28.30 6.37 13.05
N ALA A 250 27.55 7.47 13.10
CA ALA A 250 28.16 8.79 12.89
C ALA A 250 29.14 9.13 14.03
N LYS A 252 30.95 7.11 15.58
CA LYS A 252 32.10 6.27 15.32
C LYS A 252 32.79 6.62 14.00
N GLY A 253 32.37 7.72 13.37
CA GLY A 253 33.11 8.28 12.25
C GLY A 253 32.78 7.70 10.89
N ALA A 254 31.66 6.96 10.75
CA ALA A 254 31.34 6.40 9.43
C ALA A 254 31.12 7.54 8.45
N GLN A 255 31.86 7.53 7.35
CA GLN A 255 31.85 8.70 6.48
C GLN A 255 30.60 8.75 5.63
N ILE A 256 29.97 7.61 5.35
CA ILE A 256 28.76 7.60 4.53
C ILE A 256 27.73 6.76 5.27
N ILE A 257 26.53 7.30 5.45
CA ILE A 257 25.42 6.61 6.15
C ILE A 257 24.27 6.55 5.15
N ARG A 258 23.85 5.33 4.81
CA ARG A 258 22.92 5.05 3.70
C ARG A 258 21.55 4.80 4.31
N VAL A 259 20.54 5.64 4.00
CA VAL A 259 19.29 5.64 4.75
C VAL A 259 18.12 5.82 3.82
N HIS A 260 16.94 5.33 4.26
CA HIS A 260 15.67 5.70 3.65
C HIS A 260 15.22 7.10 4.11
N ASP A 261 15.30 7.37 5.43
CA ASP A 261 14.71 8.58 6.02
C ASP A 261 15.75 9.69 6.04
N PHE A 262 15.94 10.28 4.86
CA PHE A 262 17.08 11.18 4.71
C PHE A 262 16.86 12.52 5.38
N GLU A 263 15.64 13.05 5.47
CA GLU A 263 15.51 14.36 6.13
C GLU A 263 15.86 14.26 7.60
N GLN A 264 15.39 13.21 8.26
CA GLN A 264 15.66 13.00 9.68
C GLN A 264 17.12 12.68 9.91
N THR A 265 17.75 11.95 8.95
CA THR A 265 19.12 11.58 9.18
C THR A 265 20.04 12.79 9.01
N ASP A 267 19.37 15.67 10.17
CA ASP A 267 19.39 16.24 11.52
C ASP A 267 20.33 15.46 12.43
N ILE A 268 20.32 14.13 12.37
CA ILE A 268 21.14 13.47 13.37
C ILE A 268 22.63 13.63 13.04
N VAL A 269 23.02 13.68 11.74
CA VAL A 269 24.46 13.84 11.53
C VAL A 269 24.91 15.25 11.92
N LYS A 270 24.03 16.23 11.85
CA LYS A 270 24.38 17.57 12.35
C LYS A 270 24.64 17.57 13.87
N VAL A 271 23.77 16.90 14.62
CA VAL A 271 23.97 16.75 16.07
C VAL A 271 25.26 16.03 16.35
N CYS A 272 25.53 14.93 15.61
CA CYS A 272 26.79 14.18 15.83
C CYS A 272 28.00 15.06 15.50
N GLN A 273 27.95 15.81 14.40
CA GLN A 273 29.09 16.65 14.02
C GLN A 273 29.33 17.75 15.06
N ALA A 274 28.26 18.33 15.61
CA ALA A 274 28.44 19.31 16.66
C ALA A 274 29.07 18.72 17.90
N THR A 275 28.70 17.49 18.26
CA THR A 275 29.29 16.81 19.40
C THR A 275 30.76 16.48 19.14
N LEU A 276 31.05 15.94 17.94
CA LEU A 276 32.45 15.62 17.62
C LEU A 276 33.33 16.86 17.62
N GLU A 277 32.79 18.01 17.19
CA GLU A 277 33.57 19.25 17.20
C GLU A 277 33.96 19.72 18.60
N GLN A 278 33.25 19.28 19.62
CA GLN A 278 33.52 19.66 20.99
C GLN A 278 34.10 18.51 21.80
N SER A 279 34.59 17.47 21.09
CA SER A 279 35.16 16.29 21.78
C SER A 279 36.66 16.40 21.91
N PRO A 280 37.22 15.94 23.02
CA PRO A 280 38.68 16.01 23.22
C PRO A 280 39.37 14.92 22.39
N HIS A 281 40.71 14.90 22.49
CA HIS A 281 41.49 13.82 21.88
C HIS A 281 42.81 13.55 22.61
N ALA B 3 26.36 -0.87 38.86
CA ALA B 3 24.98 -0.49 38.57
C ALA B 3 24.20 -0.29 39.87
N LYS B 5 21.14 0.84 42.66
CA LYS B 5 19.73 0.62 42.95
C LYS B 5 19.13 1.89 43.59
N LEU B 6 18.12 2.46 42.94
CA LEU B 6 17.42 3.61 43.47
C LEU B 6 16.23 3.15 44.31
N ILE B 7 16.12 3.63 45.54
CA ILE B 7 15.07 3.24 46.48
C ILE B 7 14.22 4.45 46.84
N SER B 8 12.90 4.32 46.68
CA SER B 8 11.94 5.30 47.20
C SER B 8 10.90 4.58 48.04
N LYS B 9 11.13 4.59 49.37
CA LYS B 9 10.27 3.89 50.31
C LYS B 9 10.02 2.46 49.83
N ASN B 10 8.78 2.15 49.45
CA ASN B 10 8.42 0.82 49.04
C ASN B 10 8.98 0.44 47.64
N LYS B 11 9.33 1.41 46.80
CA LYS B 11 9.68 1.15 45.40
C LYS B 11 11.18 1.06 45.20
N SER B 12 11.57 0.37 44.12
CA SER B 12 12.98 0.14 43.82
C SER B 12 13.18 0.04 42.32
N LEU B 13 14.27 0.64 41.82
CA LEU B 13 14.65 0.59 40.40
C LEU B 13 16.14 0.29 40.30
N LEU B 14 16.52 -0.57 39.39
CA LEU B 14 17.92 -0.94 39.22
C LEU B 14 18.45 -0.18 38.01
N LEU B 15 19.44 0.67 38.24
CA LEU B 15 19.91 1.59 37.20
C LEU B 15 21.10 1.01 36.44
N ASP B 16 20.86 -0.15 35.80
CA ASP B 16 21.89 -0.87 35.06
C ASP B 16 21.80 -0.64 33.56
N ARG B 17 21.05 0.37 33.15
CA ARG B 17 20.75 0.67 31.75
C ARG B 17 20.10 2.05 31.74
N SER B 18 19.81 2.57 30.56
CA SER B 18 19.20 3.90 30.47
C SER B 18 17.70 3.75 30.68
N HIS B 19 17.17 4.49 31.64
CA HIS B 19 15.74 4.54 31.90
C HIS B 19 15.19 5.81 31.33
N VAL B 20 13.94 5.75 30.82
CA VAL B 20 13.33 6.94 30.23
C VAL B 20 12.41 7.61 31.26
N GLY B 22 9.48 10.42 31.20
CA GLY B 22 8.65 11.17 30.26
C GLY B 22 8.13 12.42 30.89
N ILE B 23 8.22 13.51 30.15
CA ILE B 23 7.74 14.81 30.61
C ILE B 23 6.25 14.88 30.34
N LEU B 24 5.46 15.01 31.39
CA LEU B 24 4.01 15.05 31.25
C LEU B 24 3.60 16.52 31.21
N ASN B 25 2.92 16.89 30.12
CA ASN B 25 2.50 18.27 29.89
C ASN B 25 1.24 18.57 30.70
N VAL B 26 1.36 19.40 31.76
CA VAL B 26 0.17 19.86 32.49
C VAL B 26 0.09 21.39 32.58
N THR B 27 0.77 22.09 31.69
CA THR B 27 0.70 23.54 31.58
C THR B 27 -0.02 23.94 30.29
N PRO B 28 -0.56 25.16 30.21
CA PRO B 28 -1.09 25.65 28.93
C PRO B 28 -0.01 26.08 27.92
N ASP B 29 1.25 25.75 28.18
CA ASP B 29 2.38 26.17 27.34
C ASP B 29 2.20 25.85 25.86
N THR B 38 -5.28 20.55 26.34
CA THR B 38 -5.03 20.09 27.69
C THR B 38 -6.33 19.97 28.50
N HIS B 39 -6.43 18.83 29.17
CA HIS B 39 -7.42 18.55 30.19
C HIS B 39 -6.91 17.34 30.94
N LEU B 40 -7.50 17.10 32.12
CA LEU B 40 -6.97 16.10 33.02
C LEU B 40 -6.99 14.70 32.41
N ASP B 41 -8.07 14.35 31.70
CA ASP B 41 -8.14 13.02 31.12
C ASP B 41 -7.12 12.83 30.01
N ALA B 42 -6.77 13.92 29.29
CA ALA B 42 -5.70 13.81 28.30
C ALA B 42 -4.37 13.55 28.97
N ALA B 43 -4.13 14.17 30.12
CA ALA B 43 -2.88 13.93 30.84
C ALA B 43 -2.81 12.50 31.35
N LEU B 44 -3.94 11.97 31.88
CA LEU B 44 -3.94 10.59 32.34
C LEU B 44 -3.72 9.61 31.18
N LYS B 45 -4.37 9.87 30.05
N LYS B 45 -4.32 9.89 30.03
CA LYS B 45 -4.16 9.03 28.87
CA LYS B 45 -4.09 9.07 28.85
C LYS B 45 -2.71 9.06 28.42
C LYS B 45 -2.63 9.10 28.43
N GLN B 46 -2.07 10.24 28.46
N GLN B 46 -2.01 10.28 28.43
CA GLN B 46 -0.65 10.30 28.14
CA GLN B 46 -0.58 10.32 28.12
C GLN B 46 0.17 9.49 29.13
C GLN B 46 0.22 9.50 29.14
N ALA B 47 -0.13 9.60 30.42
CA ALA B 47 0.56 8.78 31.44
C ALA B 47 0.38 7.30 31.18
N GLU B 48 -0.83 6.88 30.81
CA GLU B 48 -1.05 5.46 30.52
C GLU B 48 -0.22 5.01 29.32
N LYS B 49 -0.12 5.85 28.27
CA LYS B 49 0.72 5.52 27.11
C LYS B 49 2.19 5.40 27.51
N VAL B 51 3.32 4.43 30.55
CA VAL B 51 3.43 3.16 31.26
C VAL B 51 3.53 2.00 30.27
N LYS B 52 2.66 2.01 29.25
CA LYS B 52 2.60 0.91 28.28
C LYS B 52 3.87 0.87 27.45
N ALA B 53 4.48 2.03 27.18
CA ALA B 53 5.71 2.09 26.41
C ALA B 53 6.94 1.63 27.19
N GLY B 54 6.85 1.51 28.53
CA GLY B 54 7.96 1.11 29.34
C GLY B 54 8.73 2.24 29.97
N VAL B 55 8.16 3.43 29.99
CA VAL B 55 8.77 4.58 30.66
C VAL B 55 8.87 4.29 32.15
N SER B 56 10.00 4.66 32.77
CA SER B 56 10.26 4.34 34.17
C SER B 56 9.81 5.45 35.10
N PHE B 57 9.81 6.69 34.64
CA PHE B 57 9.44 7.82 35.49
C PHE B 57 8.53 8.73 34.72
N ILE B 58 7.50 9.24 35.38
CA ILE B 58 6.59 10.25 34.83
C ILE B 58 6.87 11.56 35.57
N ASP B 59 7.40 12.55 34.86
CA ASP B 59 7.81 13.81 35.45
C ASP B 59 6.71 14.87 35.29
N ILE B 60 6.20 15.38 36.41
CA ILE B 60 5.04 16.27 36.42
C ILE B 60 5.52 17.61 36.97
N GLY B 61 5.31 18.68 36.19
CA GLY B 61 5.73 19.99 36.66
C GLY B 61 4.63 20.98 36.37
N GLY B 62 4.31 21.86 37.33
CA GLY B 62 3.26 22.86 37.14
C GLY B 62 3.76 24.25 36.80
N GLU B 63 5.09 24.41 36.79
CA GLU B 63 5.75 25.64 36.35
C GLU B 63 6.95 25.22 35.51
N SER B 64 7.03 25.69 34.26
CA SER B 64 8.11 25.24 33.39
C SER B 64 9.45 25.82 33.85
N THR B 65 10.51 25.02 33.72
CA THR B 65 11.84 25.51 34.04
C THR B 65 12.59 26.01 32.79
N ARG B 66 11.93 26.05 31.64
CA ARG B 66 12.56 26.65 30.46
C ARG B 66 12.84 28.11 30.72
N PRO B 67 14.00 28.61 30.31
CA PRO B 67 14.29 30.04 30.44
C PRO B 67 13.25 30.89 29.70
N GLY B 68 12.77 31.90 30.40
CA GLY B 68 11.75 32.78 29.85
C GLY B 68 10.34 32.31 30.09
N ALA B 69 10.16 31.14 30.69
CA ALA B 69 8.85 30.59 30.97
C ALA B 69 8.10 31.47 31.96
N PRO B 70 6.76 31.44 31.92
CA PRO B 70 5.98 32.23 32.87
C PRO B 70 6.28 31.84 34.31
N GLU B 71 6.09 32.81 35.21
CA GLU B 71 6.17 32.57 36.64
C GLU B 71 4.79 32.26 37.17
N VAL B 72 4.65 31.12 37.83
CA VAL B 72 3.36 30.54 38.20
C VAL B 72 3.16 30.71 39.70
N SER B 73 1.97 31.16 40.12
CA SER B 73 1.67 31.25 41.55
C SER B 73 1.73 29.88 42.25
N LEU B 74 1.87 29.91 43.58
CA LEU B 74 1.94 28.65 44.33
C LEU B 74 0.63 27.86 44.21
N GLN B 75 -0.50 28.52 44.41
CA GLN B 75 -1.78 27.81 44.34
C GLN B 75 -2.02 27.22 42.95
N GLU B 76 -1.65 27.96 41.89
CA GLU B 76 -1.76 27.43 40.55
C GLU B 76 -0.85 26.22 40.35
N GLU B 77 0.37 26.29 40.86
CA GLU B 77 1.25 25.14 40.70
C GLU B 77 0.62 23.92 41.37
N LEU B 78 0.05 24.10 42.56
CA LEU B 78 -0.58 22.98 43.25
C LEU B 78 -1.76 22.45 42.46
N ASP B 79 -2.60 23.34 41.96
CA ASP B 79 -3.80 22.90 41.26
C ASP B 79 -3.46 22.19 39.98
N ARG B 80 -2.30 22.51 39.39
CA ARG B 80 -1.90 21.80 38.18
C ARG B 80 -1.41 20.40 38.48
N VAL B 81 -0.69 20.17 39.60
CA VAL B 81 0.02 18.89 39.75
C VAL B 81 -0.71 17.91 40.67
N LEU B 82 -1.43 18.38 41.68
CA LEU B 82 -1.92 17.41 42.66
C LEU B 82 -2.98 16.47 42.07
N PRO B 83 -3.95 16.94 41.26
CA PRO B 83 -4.93 15.99 40.71
C PRO B 83 -4.32 14.93 39.81
N ILE B 84 -3.36 15.28 38.94
CA ILE B 84 -2.79 14.27 38.03
C ILE B 84 -1.92 13.29 38.80
N ILE B 85 -1.14 13.77 39.77
CA ILE B 85 -0.35 12.84 40.59
C ILE B 85 -1.26 11.84 41.29
N GLU B 86 -2.36 12.30 41.87
CA GLU B 86 -3.26 11.38 42.55
C GLU B 86 -3.85 10.36 41.60
N ALA B 87 -4.23 10.80 40.39
CA ALA B 87 -4.88 9.89 39.44
C ALA B 87 -3.90 8.82 38.94
N ILE B 88 -2.64 9.19 38.70
CA ILE B 88 -1.63 8.23 38.27
C ILE B 88 -1.30 7.27 39.42
N HIS B 89 -1.09 7.81 40.62
CA HIS B 89 -0.73 6.96 41.74
C HIS B 89 -1.79 5.90 42.02
N GLN B 90 -3.05 6.25 41.78
CA GLN B 90 -4.15 5.32 42.06
C GLN B 90 -4.17 4.17 41.05
N ARG B 91 -3.61 4.38 39.86
CA ARG B 91 -3.79 3.46 38.75
C ARG B 91 -2.54 2.67 38.40
N PHE B 92 -1.34 3.21 38.67
CA PHE B 92 -0.07 2.67 38.18
C PHE B 92 0.97 2.70 39.27
N ASP B 93 1.86 1.69 39.25
CA ASP B 93 3.01 1.64 40.16
C ASP B 93 4.24 2.40 39.65
N THR B 94 4.20 2.92 38.43
CA THR B 94 5.29 3.69 37.84
C THR B 94 5.74 4.84 38.75
N TRP B 95 7.04 5.11 38.77
CA TRP B 95 7.53 6.22 39.57
C TRP B 95 7.03 7.57 39.03
N ILE B 96 6.57 8.43 39.92
CA ILE B 96 6.19 9.79 39.64
C ILE B 96 7.26 10.69 40.20
N SER B 97 7.73 11.61 39.36
N SER B 97 7.74 11.64 39.38
CA SER B 97 8.64 12.66 39.78
CA SER B 97 8.68 12.64 39.85
C SER B 97 7.88 13.98 39.83
C SER B 97 8.04 14.02 39.78
N ILE B 98 8.14 14.77 40.87
CA ILE B 98 7.57 16.13 40.94
C ILE B 98 8.69 17.11 40.57
N ASP B 99 8.45 17.87 39.51
CA ASP B 99 9.39 18.87 38.98
C ASP B 99 9.09 20.20 39.65
N THR B 100 9.79 20.48 40.76
CA THR B 100 9.48 21.71 41.49
C THR B 100 10.72 22.14 42.26
N SER B 101 10.81 23.45 42.55
CA SER B 101 11.78 23.99 43.50
C SER B 101 11.13 24.47 44.79
N LYS B 102 9.83 24.35 44.92
CA LYS B 102 9.11 24.93 46.07
C LYS B 102 8.87 23.88 47.15
N ALA B 103 9.28 24.17 48.39
CA ALA B 103 9.14 23.19 49.45
C ALA B 103 7.67 22.77 49.63
N VAL B 104 6.75 23.72 49.54
CA VAL B 104 5.33 23.39 49.79
C VAL B 104 4.82 22.43 48.73
N VAL B 105 5.23 22.65 47.46
CA VAL B 105 4.80 21.73 46.42
C VAL B 105 5.43 20.36 46.62
N GLU B 107 6.27 18.96 49.39
CA GLU B 107 5.61 18.28 50.50
C GLU B 107 4.26 17.73 50.07
N GLU B 108 3.44 18.57 49.42
CA GLU B 108 2.08 18.15 49.04
C GLU B 108 2.08 17.08 47.95
N ALA B 109 3.04 17.17 47.02
CA ALA B 109 3.14 16.19 45.94
C ALA B 109 3.51 14.81 46.47
N VAL B 110 4.48 14.75 47.38
CA VAL B 110 4.85 13.42 47.90
C VAL B 110 3.70 12.84 48.70
N LYS B 111 2.95 13.70 49.41
CA LYS B 111 1.83 13.22 50.19
C LYS B 111 0.77 12.50 49.34
N VAL B 112 0.60 12.87 48.07
CA VAL B 112 -0.41 12.25 47.21
C VAL B 112 0.20 11.23 46.24
N GLY B 113 1.50 10.94 46.36
CA GLY B 113 2.07 9.88 45.53
C GLY B 113 3.36 10.12 44.78
N ALA B 114 3.97 11.31 44.87
CA ALA B 114 5.22 11.51 44.16
C ALA B 114 6.33 10.69 44.82
N ASP B 115 7.20 10.09 43.99
CA ASP B 115 8.26 9.17 44.43
C ASP B 115 9.67 9.75 44.36
N LEU B 116 9.85 10.89 43.73
CA LEU B 116 11.16 11.44 43.43
C LEU B 116 10.95 12.94 43.30
N ILE B 117 11.90 13.74 43.75
CA ILE B 117 11.85 15.20 43.57
C ILE B 117 12.91 15.58 42.56
N ASN B 118 12.50 16.28 41.47
CA ASN B 118 13.40 16.80 40.45
C ASN B 118 13.51 18.30 40.61
N ASP B 119 14.64 18.78 41.15
CA ASP B 119 14.77 20.19 41.55
C ASP B 119 15.92 20.89 40.83
N VAL B 120 15.56 21.79 39.91
CA VAL B 120 16.54 22.58 39.16
C VAL B 120 17.36 23.47 40.09
N ARG B 121 16.84 23.76 41.29
CA ARG B 121 17.57 24.55 42.26
C ARG B 121 18.26 23.72 43.32
N ALA B 122 18.29 22.40 43.17
CA ALA B 122 19.09 21.52 44.03
C ALA B 122 18.84 21.75 45.53
N LEU B 123 17.58 21.92 45.92
CA LEU B 123 17.15 21.99 47.33
C LEU B 123 17.73 23.21 48.03
N GLN B 124 18.00 24.29 47.27
CA GLN B 124 18.53 25.49 47.90
C GLN B 124 17.45 26.49 48.32
N GLU B 125 16.20 26.29 47.91
CA GLU B 125 15.16 27.25 48.27
C GLU B 125 14.75 27.04 49.71
N PRO B 126 14.15 28.06 50.32
CA PRO B 126 13.82 27.98 51.75
C PRO B 126 12.96 26.76 52.06
N ASN B 127 13.40 26.01 53.08
CA ASN B 127 12.73 24.82 53.61
C ASN B 127 12.81 23.60 52.66
N ALA B 128 13.42 23.72 51.48
CA ALA B 128 13.39 22.60 50.55
C ALA B 128 14.18 21.41 51.10
N LEU B 129 15.37 21.67 51.65
CA LEU B 129 16.19 20.58 52.17
C LEU B 129 15.46 19.81 53.26
N LYS B 130 14.83 20.52 54.21
CA LYS B 130 14.16 19.82 55.31
C LYS B 130 12.94 19.04 54.82
N VAL B 131 12.19 19.62 53.89
CA VAL B 131 11.04 18.91 53.32
C VAL B 131 11.49 17.66 52.56
N ALA B 132 12.55 17.77 51.75
CA ALA B 132 13.05 16.59 51.03
C ALA B 132 13.48 15.51 52.01
N ALA B 133 14.06 15.91 53.15
CA ALA B 133 14.53 14.91 54.09
C ALA B 133 13.35 14.19 54.73
N GLU B 134 12.33 14.94 55.11
CA GLU B 134 11.18 14.34 55.73
C GLU B 134 10.44 13.45 54.74
N ALA B 135 10.46 13.82 53.45
CA ALA B 135 9.79 13.06 52.41
C ALA B 135 10.43 11.71 52.23
N ASN B 136 11.75 11.66 52.44
CA ASN B 136 12.52 10.41 52.38
C ASN B 136 12.44 9.78 50.98
N VAL B 137 12.54 10.60 49.94
CA VAL B 137 12.48 10.12 48.56
C VAL B 137 13.77 10.59 47.87
N PRO B 138 14.17 9.94 46.79
CA PRO B 138 15.33 10.45 46.05
C PRO B 138 15.09 11.83 45.47
N VAL B 139 16.21 12.49 45.17
CA VAL B 139 16.18 13.87 44.71
C VAL B 139 17.19 13.99 43.59
N CYS B 140 16.75 14.51 42.44
CA CYS B 140 17.66 14.91 41.37
C CYS B 140 18.09 16.35 41.63
N LEU B 141 19.39 16.56 41.80
CA LEU B 141 19.99 17.89 41.99
C LEU B 141 20.59 18.38 40.69
N HIS B 143 22.94 20.98 38.59
CA HIS B 143 23.94 22.04 38.63
C HIS B 143 23.54 23.11 37.61
N GLN B 145 25.12 26.29 36.36
CA GLN B 145 26.27 27.20 36.30
C GLN B 145 25.85 28.61 35.84
N GLY B 146 26.24 29.63 36.60
CA GLY B 146 25.81 30.96 36.22
C GLY B 146 26.70 31.64 35.20
N GLN B 147 27.98 31.30 35.19
CA GLN B 147 28.94 32.01 34.32
C GLN B 147 29.86 30.93 33.75
N PRO B 148 30.10 30.92 32.42
CA PRO B 148 31.03 29.92 31.87
C PRO B 148 32.42 30.10 32.46
N ARG B 149 33.19 29.02 32.43
CA ARG B 149 34.57 29.03 32.88
C ARG B 149 35.39 28.35 31.80
N THR B 150 36.28 29.10 31.14
CA THR B 150 37.01 28.46 30.06
C THR B 150 38.19 27.66 30.60
N GLN B 152 41.81 26.88 31.41
CA GLN B 152 42.96 27.75 31.65
C GLN B 152 43.99 27.70 30.53
N THR B 153 44.14 26.56 29.85
CA THR B 153 45.10 26.44 28.76
C THR B 153 44.50 26.57 27.38
N ASN B 154 43.14 26.65 27.22
CA ASN B 154 42.54 26.68 25.89
C ASN B 154 41.23 27.46 26.00
N PRO B 155 41.26 28.76 25.69
CA PRO B 155 40.07 29.60 25.83
C PRO B 155 38.94 29.22 24.90
N SER B 156 39.16 28.35 23.93
CA SER B 156 38.11 27.95 22.99
C SER B 156 37.16 26.92 23.59
N TYR B 157 37.51 26.32 24.74
CA TYR B 157 36.73 25.23 25.32
C TYR B 157 36.48 25.52 26.81
N GLN B 158 35.55 24.75 27.37
CA GLN B 158 35.10 24.97 28.76
C GLN B 158 35.84 24.06 29.74
N ASP B 159 36.04 24.59 30.94
CA ASP B 159 36.37 23.80 32.14
C ASP B 159 35.02 23.30 32.68
N LEU B 160 34.72 22.00 32.44
CA LEU B 160 33.39 21.45 32.77
C LEU B 160 33.29 21.00 34.21
N PHE B 161 34.41 20.96 34.93
CA PHE B 161 34.43 20.23 36.19
C PHE B 161 34.65 21.08 37.43
N THR B 162 35.31 22.26 37.36
CA THR B 162 35.67 22.96 38.59
C THR B 162 34.42 23.34 39.37
N ASP B 163 33.46 23.97 38.68
CA ASP B 163 32.29 24.48 39.37
C ASP B 163 31.38 23.38 39.89
N ILE B 164 31.10 22.35 39.07
CA ILE B 164 30.20 21.28 39.52
C ILE B 164 30.83 20.52 40.67
N SER B 165 32.17 20.37 40.68
CA SER B 165 32.81 19.65 41.79
C SER B 165 32.61 20.37 43.12
N SER B 166 32.78 21.69 43.11
CA SER B 166 32.55 22.50 44.31
C SER B 166 31.09 22.48 44.73
N PHE B 167 30.18 22.59 43.73
CA PHE B 167 28.75 22.57 44.03
C PHE B 167 28.34 21.24 44.64
N LEU B 168 28.77 20.11 44.05
CA LEU B 168 28.33 18.81 44.51
C LEU B 168 28.86 18.49 45.91
N SER B 169 30.11 18.86 46.20
CA SER B 169 30.60 18.53 47.52
C SER B 169 29.82 19.29 48.60
N GLU B 170 29.48 20.55 48.32
CA GLU B 170 28.62 21.34 49.23
C GLU B 170 27.23 20.75 49.35
N ARG B 171 26.62 20.39 48.22
CA ARG B 171 25.25 19.87 48.33
C ARG B 171 25.23 18.50 49.00
N ILE B 172 26.21 17.63 48.70
CA ILE B 172 26.20 16.30 49.32
C ILE B 172 26.36 16.45 50.83
N ASP B 173 27.18 17.41 51.27
N ASP B 173 27.18 17.41 51.27
CA ASP B 173 27.36 17.64 52.69
CA ASP B 173 27.35 17.61 52.71
C ASP B 173 26.09 18.19 53.34
C ASP B 173 26.10 18.20 53.35
N ALA B 174 25.41 19.11 52.65
CA ALA B 174 24.19 19.68 53.20
C ALA B 174 23.09 18.63 53.32
N CYS B 175 22.93 17.82 52.26
CA CYS B 175 22.02 16.66 52.31
C CYS B 175 22.35 15.77 53.49
N GLN B 176 23.63 15.44 53.67
CA GLN B 176 23.99 14.56 54.78
C GLN B 176 23.64 15.17 56.13
N SER B 177 23.71 16.49 56.24
CA SER B 177 23.40 17.14 57.50
C SER B 177 21.91 17.07 57.89
N VAL B 178 20.99 16.91 56.92
CA VAL B 178 19.60 16.74 57.27
C VAL B 178 19.17 15.29 57.17
N GLY B 179 20.09 14.39 56.89
CA GLY B 179 19.77 12.98 56.94
C GLY B 179 19.48 12.37 55.61
N ILE B 180 19.84 13.05 54.51
CA ILE B 180 19.70 12.51 53.16
C ILE B 180 21.03 11.88 52.74
N ALA B 181 21.03 10.56 52.59
CA ALA B 181 22.24 9.87 52.18
C ALA B 181 22.52 10.05 50.69
N LYS B 182 23.78 9.89 50.34
CA LYS B 182 24.21 10.04 48.96
C LYS B 182 23.44 9.12 48.01
N ASP B 183 23.04 7.92 48.47
CA ASP B 183 22.36 7.00 47.56
C ASP B 183 20.97 7.47 47.20
N LYS B 184 20.51 8.59 47.79
CA LYS B 184 19.25 9.19 47.37
C LYS B 184 19.43 10.19 46.25
N LEU B 185 20.65 10.48 45.82
CA LEU B 185 20.87 11.65 44.96
C LEU B 185 21.15 11.26 43.52
N ILE B 186 20.62 12.07 42.61
CA ILE B 186 20.81 11.94 41.17
C ILE B 186 21.38 13.27 40.68
N LEU B 187 22.32 13.22 39.76
CA LEU B 187 22.99 14.42 39.26
C LEU B 187 22.49 14.76 37.86
N ASP B 188 21.92 15.95 37.71
CA ASP B 188 21.62 16.50 36.37
C ASP B 188 22.67 17.57 36.06
N PRO B 189 23.50 17.43 35.03
CA PRO B 189 24.56 18.42 34.80
C PRO B 189 24.04 19.73 34.21
N GLY B 190 22.79 19.79 33.79
CA GLY B 190 22.20 21.09 33.48
C GLY B 190 22.36 21.50 32.02
N PHE B 191 22.06 20.60 31.08
CA PHE B 191 22.01 21.04 29.68
C PHE B 191 21.07 22.23 29.53
N GLY B 192 21.46 23.20 28.70
CA GLY B 192 20.65 24.39 28.53
C GLY B 192 20.96 25.52 29.51
N PHE B 193 19.92 26.19 30.01
CA PHE B 193 20.09 27.23 31.01
C PHE B 193 21.15 28.25 30.62
N GLY B 194 21.04 28.72 29.36
CA GLY B 194 21.82 29.85 28.88
C GLY B 194 23.19 29.51 28.37
N LYS B 195 23.57 28.23 28.37
CA LYS B 195 24.87 27.88 27.79
C LYS B 195 24.88 28.08 26.27
N THR B 196 26.07 28.36 25.76
CA THR B 196 26.24 28.39 24.30
C THR B 196 26.06 27.00 23.69
N LEU B 197 25.83 26.99 22.36
CA LEU B 197 25.81 25.72 21.62
C LEU B 197 27.09 24.91 21.86
N ALA B 198 28.25 25.58 21.83
CA ALA B 198 29.53 24.87 22.00
C ALA B 198 29.61 24.25 23.38
N HIS B 199 29.25 25.04 24.41
CA HIS B 199 29.29 24.55 25.77
C HIS B 199 28.36 23.35 25.96
N ASN B 200 27.13 23.43 25.43
CA ASN B 200 26.19 22.32 25.57
C ASN B 200 26.71 21.06 24.86
N TYR B 201 27.32 21.21 23.69
CA TYR B 201 27.77 20.02 22.97
C TYR B 201 29.06 19.47 23.57
N GLN B 202 29.86 20.32 24.24
CA GLN B 202 31.06 19.79 24.92
C GLN B 202 30.64 19.00 26.14
N LEU B 203 29.60 19.49 26.83
CA LEU B 203 29.04 18.74 27.95
C LEU B 203 28.55 17.38 27.48
N LEU B 204 27.87 17.34 26.34
CA LEU B 204 27.42 16.05 25.83
C LEU B 204 28.61 15.19 25.43
N ALA B 205 29.60 15.82 24.76
CA ALA B 205 30.75 15.09 24.26
C ALA B 205 31.51 14.45 25.42
N GLU B 206 31.51 15.07 26.58
CA GLU B 206 32.23 14.60 27.75
C GLU B 206 31.33 14.02 28.82
N LEU B 207 30.07 13.70 28.49
CA LEU B 207 29.13 13.36 29.56
C LEU B 207 29.57 12.16 30.37
N GLU B 208 30.29 11.20 29.76
CA GLU B 208 30.68 10.01 30.53
C GLU B 208 31.68 10.33 31.64
N ARG B 209 32.35 11.48 31.57
CA ARG B 209 33.24 11.91 32.64
C ARG B 209 32.49 12.27 33.91
N PHE B 210 31.19 12.54 33.81
CA PHE B 210 30.44 12.91 35.00
C PHE B 210 30.07 11.72 35.87
N HIS B 211 30.29 10.48 35.41
CA HIS B 211 30.11 9.33 36.31
C HIS B 211 31.14 9.29 37.44
N GLN B 212 32.19 10.11 37.36
CA GLN B 212 33.21 10.15 38.40
C GLN B 212 32.66 10.60 39.75
N PHE B 213 31.52 11.29 39.78
CA PHE B 213 31.02 11.77 41.06
C PHE B 213 30.23 10.70 41.80
N GLY B 214 30.06 9.52 41.21
CA GLY B 214 29.43 8.41 41.90
C GLY B 214 27.93 8.51 42.05
N LEU B 215 27.27 9.39 41.32
CA LEU B 215 25.82 9.48 41.33
C LEU B 215 25.25 9.08 39.98
N PRO B 216 24.07 8.46 39.94
CA PRO B 216 23.36 8.31 38.65
C PRO B 216 23.18 9.69 37.99
N LEU B 217 23.25 9.66 36.67
CA LEU B 217 23.11 10.87 35.88
C LEU B 217 21.75 10.94 35.26
N LEU B 218 21.19 12.14 35.21
CA LEU B 218 19.99 12.47 34.45
C LEU B 218 20.39 13.41 33.33
N ALA B 219 20.08 13.04 32.07
CA ALA B 219 20.35 13.95 30.95
C ALA B 219 19.02 14.42 30.36
N GLY B 220 18.86 15.74 30.26
CA GLY B 220 17.62 16.30 29.73
C GLY B 220 17.90 17.32 28.66
N SER B 222 15.88 17.21 25.63
CA SER B 222 14.75 17.12 24.71
C SER B 222 14.17 18.47 24.29
N ARG B 223 14.14 18.70 22.98
N ARG B 223 14.14 18.72 22.98
CA ARG B 223 13.52 19.88 22.38
CA ARG B 223 13.53 19.89 22.37
C ARG B 223 14.09 21.17 22.95
C ARG B 223 14.14 21.20 22.85
N LYS B 224 15.30 21.14 23.47
CA LYS B 224 15.92 22.38 23.97
C LYS B 224 16.61 23.13 22.82
N SER B 225 17.03 24.36 23.12
CA SER B 225 17.61 25.21 22.08
C SER B 225 18.88 24.61 21.50
N VAL B 227 19.24 21.83 20.45
CA VAL B 227 18.82 21.09 19.28
C VAL B 227 18.23 22.02 18.23
N PHE B 228 17.20 22.79 18.58
CA PHE B 228 16.52 23.48 17.47
C PHE B 228 17.28 24.69 16.96
N LYS B 229 18.10 25.32 17.78
CA LYS B 229 18.93 26.37 17.22
C LYS B 229 20.12 25.82 16.42
N LEU B 230 20.66 24.66 16.79
CA LEU B 230 21.67 24.03 15.94
C LEU B 230 21.13 23.77 14.54
N LEU B 231 19.96 23.14 14.47
CA LEU B 231 19.31 22.74 13.24
C LEU B 231 18.63 23.88 12.51
N ASP B 232 18.42 25.01 13.19
CA ASP B 232 17.74 26.18 12.64
C ASP B 232 16.31 25.79 12.22
N VAL B 233 15.58 25.23 13.19
CA VAL B 233 14.20 24.79 13.01
C VAL B 233 13.36 25.23 14.22
N GLU B 234 12.04 25.18 14.08
CA GLU B 234 11.17 25.45 15.22
C GLU B 234 11.28 24.32 16.24
N PRO B 235 11.06 24.60 17.53
CA PRO B 235 11.13 23.52 18.52
C PRO B 235 10.20 22.37 18.19
N LYS B 236 9.05 22.65 17.56
CA LYS B 236 8.16 21.55 17.13
C LYS B 236 8.82 20.63 16.11
N ALA B 238 11.94 19.50 16.40
CA ALA B 238 13.21 19.06 16.97
C ALA B 238 13.23 17.59 17.37
N LEU B 239 12.29 16.76 16.88
CA LEU B 239 12.25 15.37 17.36
C LEU B 239 13.54 14.62 17.01
N SER B 240 13.93 14.60 15.71
CA SER B 240 15.08 13.77 15.30
C SER B 240 16.35 14.19 16.02
N GLY B 241 16.58 15.49 16.09
CA GLY B 241 17.76 15.97 16.80
C GLY B 241 17.74 15.57 18.28
N SER B 242 16.56 15.60 18.90
CA SER B 242 16.47 15.19 20.32
C SER B 242 16.79 13.73 20.47
N LEU B 243 16.32 12.91 19.53
CA LEU B 243 16.65 11.48 19.55
C LEU B 243 18.14 11.23 19.38
N ALA B 244 18.83 12.02 18.53
CA ALA B 244 20.27 11.87 18.44
C ALA B 244 20.92 12.21 19.76
N CYS B 245 20.51 13.31 20.41
CA CYS B 245 21.09 13.65 21.71
C CYS B 245 20.90 12.53 22.74
N ALA B 246 19.70 11.94 22.76
CA ALA B 246 19.36 10.88 23.69
C ALA B 246 20.21 9.67 23.43
N THR B 247 20.47 9.39 22.15
CA THR B 247 21.28 8.22 21.79
C THR B 247 22.71 8.42 22.27
N ILE B 248 23.27 9.61 22.03
CA ILE B 248 24.62 9.89 22.46
C ILE B 248 24.73 9.78 23.98
N ALA B 249 23.75 10.35 24.71
CA ALA B 249 23.74 10.27 26.16
C ALA B 249 23.62 8.83 26.66
N ALA B 250 22.72 8.03 26.03
CA ALA B 250 22.60 6.63 26.41
C ALA B 250 23.88 5.86 26.13
N LYS B 252 26.80 6.91 26.42
CA LYS B 252 27.69 7.38 27.48
C LYS B 252 27.19 7.00 28.85
N GLY B 253 26.18 6.14 28.91
CA GLY B 253 25.76 5.53 30.13
C GLY B 253 24.87 6.37 31.01
N ALA B 254 24.26 7.45 30.49
CA ALA B 254 23.33 8.20 31.35
C ALA B 254 22.17 7.32 31.78
N GLN B 255 21.97 7.23 33.09
CA GLN B 255 20.99 6.28 33.63
C GLN B 255 19.55 6.75 33.49
N ILE B 256 19.33 8.06 33.43
CA ILE B 256 17.98 8.58 33.26
C ILE B 256 18.03 9.57 32.13
N ILE B 257 17.15 9.38 31.13
CA ILE B 257 17.07 10.31 30.02
C ILE B 257 15.68 10.91 29.99
N ARG B 258 15.59 12.24 30.13
CA ARG B 258 14.31 12.95 30.34
C ARG B 258 13.83 13.56 29.03
N VAL B 259 12.63 13.18 28.57
CA VAL B 259 12.23 13.46 27.19
C VAL B 259 10.75 13.77 27.08
N HIS B 260 10.41 14.50 26.01
CA HIS B 260 9.03 14.67 25.60
C HIS B 260 8.55 13.48 24.77
N ASP B 261 9.38 13.02 23.83
CA ASP B 261 8.96 12.02 22.83
C ASP B 261 9.33 10.62 23.35
N PHE B 262 8.50 10.16 24.26
CA PHE B 262 8.87 8.99 25.05
C PHE B 262 8.77 7.68 24.26
N GLU B 263 7.83 7.57 23.32
CA GLU B 263 7.71 6.31 22.60
C GLU B 263 8.92 6.12 21.71
N GLN B 264 9.39 7.21 21.07
CA GLN B 264 10.53 7.11 20.18
C GLN B 264 11.80 6.89 20.99
N THR B 265 11.86 7.52 22.16
CA THR B 265 13.06 7.38 22.98
C THR B 265 13.17 5.95 23.55
N ASP B 267 12.55 3.35 21.89
CA ASP B 267 13.22 2.63 20.81
C ASP B 267 14.72 2.92 20.80
N ILE B 268 15.10 4.19 20.97
CA ILE B 268 16.52 4.45 20.90
C ILE B 268 17.25 3.85 22.10
N VAL B 269 16.63 3.78 23.28
CA VAL B 269 17.43 3.21 24.38
C VAL B 269 17.57 1.70 24.20
N LYS B 270 16.61 1.04 23.56
CA LYS B 270 16.72 -0.38 23.26
C LYS B 270 17.88 -0.66 22.31
N VAL B 271 18.00 0.18 21.26
CA VAL B 271 19.11 0.07 20.32
C VAL B 271 20.44 0.31 21.06
N CYS B 272 20.48 1.33 21.92
CA CYS B 272 21.71 1.62 22.66
C CYS B 272 22.07 0.47 23.58
N GLN B 273 21.07 -0.09 24.25
CA GLN B 273 21.36 -1.20 25.17
C GLN B 273 21.88 -2.42 24.41
N ALA B 274 21.29 -2.70 23.25
CA ALA B 274 21.80 -3.80 22.45
C ALA B 274 23.25 -3.58 22.01
N THR B 275 23.60 -2.35 21.65
CA THR B 275 24.96 -2.05 21.22
C THR B 275 25.93 -2.16 22.39
N LEU B 276 25.54 -1.62 23.55
CA LEU B 276 26.39 -1.70 24.73
C LEU B 276 26.59 -3.15 25.17
N GLU B 277 25.55 -3.99 25.05
CA GLU B 277 25.71 -5.40 25.41
C GLU B 277 26.72 -6.13 24.53
N GLN B 278 26.88 -5.68 23.29
CA GLN B 278 27.80 -6.35 22.38
C GLN B 278 29.15 -5.68 22.31
N SER B 279 29.44 -4.77 23.20
CA SER B 279 30.76 -4.15 23.19
C SER B 279 31.67 -5.10 23.95
N PRO B 280 32.57 -5.86 23.26
CA PRO B 280 33.33 -6.96 23.93
C PRO B 280 34.40 -6.47 24.90
N ALA C 3 -0.27 -2.90 -28.25
CA ALA C 3 -1.38 -3.74 -28.71
C ALA C 3 -1.20 -4.10 -30.18
N LYS C 5 -2.02 -4.79 -34.15
CA LYS C 5 -2.81 -4.16 -35.21
C LYS C 5 -3.20 -5.24 -36.21
N LEU C 6 -4.49 -5.40 -36.45
CA LEU C 6 -4.98 -6.37 -37.41
C LEU C 6 -5.14 -5.69 -38.76
N ILE C 7 -4.56 -6.28 -39.79
CA ILE C 7 -4.47 -5.63 -41.10
C ILE C 7 -5.14 -6.54 -42.13
N SER C 8 -6.05 -5.97 -42.93
CA SER C 8 -6.68 -6.65 -44.06
C SER C 8 -6.52 -5.74 -45.27
N LYS C 9 -5.47 -5.97 -46.06
CA LYS C 9 -5.17 -5.14 -47.20
C LYS C 9 -5.12 -3.68 -46.79
N ASN C 10 -6.06 -2.86 -47.27
CA ASN C 10 -6.04 -1.43 -46.98
C ASN C 10 -6.67 -1.06 -45.67
N LYS C 11 -7.29 -2.00 -44.96
CA LYS C 11 -7.97 -1.74 -43.71
C LYS C 11 -7.07 -2.14 -42.53
N SER C 12 -7.17 -1.41 -41.43
CA SER C 12 -6.36 -1.66 -40.25
C SER C 12 -7.21 -1.45 -39.00
N LEU C 13 -7.11 -2.35 -38.03
N LEU C 13 -7.07 -2.32 -38.01
CA LEU C 13 -7.78 -2.16 -36.75
CA LEU C 13 -7.81 -2.16 -36.75
C LEU C 13 -6.78 -2.28 -35.63
C LEU C 13 -6.87 -2.36 -35.57
N LEU C 14 -6.91 -1.42 -34.63
CA LEU C 14 -6.02 -1.46 -33.46
C LEU C 14 -6.71 -2.26 -32.36
N LEU C 15 -6.11 -3.38 -31.98
CA LEU C 15 -6.76 -4.27 -31.03
C LEU C 15 -6.32 -3.96 -29.61
N ASP C 16 -6.56 -2.71 -29.22
CA ASP C 16 -6.18 -2.22 -27.91
C ASP C 16 -7.35 -2.26 -26.93
N ARG C 17 -8.40 -2.99 -27.26
CA ARG C 17 -9.63 -3.06 -26.49
C ARG C 17 -10.46 -4.18 -27.09
N SER C 18 -11.54 -4.57 -26.40
CA SER C 18 -12.47 -5.52 -27.01
C SER C 18 -13.31 -4.89 -28.13
N HIS C 19 -13.33 -5.55 -29.30
CA HIS C 19 -14.14 -5.18 -30.43
C HIS C 19 -15.33 -6.14 -30.57
N VAL C 20 -16.45 -5.63 -30.99
CA VAL C 20 -17.65 -6.46 -31.12
C VAL C 20 -17.80 -6.90 -32.58
N GLY C 22 -20.77 -8.51 -34.83
CA GLY C 22 -22.20 -8.84 -34.82
C GLY C 22 -22.51 -9.96 -35.80
N ILE C 23 -23.33 -10.89 -35.35
CA ILE C 23 -23.72 -12.04 -36.17
C ILE C 23 -24.88 -11.63 -37.06
N LEU C 24 -24.66 -11.65 -38.37
CA LEU C 24 -25.74 -11.32 -39.33
C LEU C 24 -26.05 -12.60 -40.11
N ASN C 25 -27.09 -13.30 -39.71
CA ASN C 25 -27.42 -14.56 -40.40
C ASN C 25 -28.30 -14.23 -41.60
N VAL C 26 -27.97 -14.79 -42.74
CA VAL C 26 -28.71 -14.37 -43.90
C VAL C 26 -29.49 -15.55 -44.45
N THR C 27 -29.94 -16.43 -43.57
CA THR C 27 -30.91 -17.43 -43.97
C THR C 27 -32.21 -16.74 -44.39
N PRO C 28 -32.70 -17.00 -45.59
CA PRO C 28 -33.94 -16.33 -46.04
C PRO C 28 -35.16 -16.89 -45.32
N ASP C 29 -36.16 -16.03 -45.19
CA ASP C 29 -37.43 -16.48 -44.63
C ASP C 29 -38.18 -17.39 -45.61
N SER C 30 -39.28 -17.96 -45.12
CA SER C 30 -39.99 -18.98 -45.87
C SER C 30 -40.65 -18.46 -47.14
N PHE C 31 -40.69 -17.15 -47.34
CA PHE C 31 -41.24 -16.58 -48.56
C PHE C 31 -40.19 -15.98 -49.47
N SER C 32 -38.89 -16.20 -49.21
CA SER C 32 -37.87 -15.48 -49.98
C SER C 32 -36.79 -16.43 -50.46
N ASP C 33 -36.06 -15.97 -51.50
CA ASP C 33 -34.84 -16.59 -52.00
C ASP C 33 -33.65 -15.69 -51.69
N GLY C 34 -32.48 -16.28 -51.51
CA GLY C 34 -31.30 -15.46 -51.32
C GLY C 34 -31.12 -14.50 -52.49
N GLY C 35 -30.74 -13.25 -52.17
CA GLY C 35 -30.52 -12.27 -53.21
C GLY C 35 -31.76 -11.56 -53.71
N GLN C 36 -32.97 -12.00 -53.35
CA GLN C 36 -34.13 -11.24 -53.80
C GLN C 36 -34.23 -9.94 -53.00
N PHE C 37 -35.08 -9.03 -53.49
CA PHE C 37 -35.12 -7.68 -52.90
C PHE C 37 -35.32 -7.72 -51.40
N THR C 38 -36.35 -8.41 -50.90
CA THR C 38 -36.63 -8.30 -49.48
C THR C 38 -35.55 -8.96 -48.62
N HIS C 39 -34.85 -9.96 -49.17
CA HIS C 39 -33.76 -10.61 -48.44
C HIS C 39 -32.59 -9.66 -48.23
N LEU C 40 -32.20 -8.97 -49.29
CA LEU C 40 -31.09 -8.03 -49.22
C LEU C 40 -31.45 -6.83 -48.35
N ASP C 41 -32.66 -6.31 -48.52
CA ASP C 41 -33.11 -5.17 -47.73
C ASP C 41 -33.10 -5.47 -46.24
N ALA C 42 -33.56 -6.67 -45.85
CA ALA C 42 -33.59 -7.01 -44.43
C ALA C 42 -32.16 -7.10 -43.87
N ALA C 43 -31.24 -7.67 -44.65
CA ALA C 43 -29.85 -7.78 -44.22
C ALA C 43 -29.18 -6.41 -44.13
N LEU C 44 -29.44 -5.54 -45.12
CA LEU C 44 -28.82 -4.21 -45.11
C LEU C 44 -29.31 -3.36 -43.95
N LYS C 45 -30.58 -3.47 -43.60
CA LYS C 45 -31.09 -2.73 -42.45
C LYS C 45 -30.40 -3.18 -41.16
N GLN C 46 -30.16 -4.48 -41.02
CA GLN C 46 -29.50 -4.96 -39.82
C GLN C 46 -28.06 -4.49 -39.82
N ALA C 47 -27.41 -4.53 -40.99
CA ALA C 47 -26.01 -4.08 -41.05
C ALA C 47 -25.90 -2.62 -40.68
N GLU C 48 -26.84 -1.79 -41.13
CA GLU C 48 -26.80 -0.38 -40.77
C GLU C 48 -26.97 -0.16 -39.27
N LYS C 49 -27.82 -0.96 -38.61
CA LYS C 49 -27.97 -0.86 -37.15
C LYS C 49 -26.65 -1.21 -36.45
N VAL C 51 -23.62 -0.91 -37.79
CA VAL C 51 -22.65 0.17 -38.02
C VAL C 51 -22.91 1.32 -37.07
N LYS C 52 -24.17 1.73 -36.95
CA LYS C 52 -24.52 2.84 -36.06
C LYS C 52 -24.17 2.55 -34.59
N ALA C 53 -24.34 1.29 -34.15
CA ALA C 53 -24.04 0.94 -32.77
C ALA C 53 -22.55 0.93 -32.48
N GLY C 54 -21.70 0.92 -33.51
CA GLY C 54 -20.28 0.86 -33.30
C GLY C 54 -19.66 -0.52 -33.43
N VAL C 55 -20.38 -1.49 -33.98
CA VAL C 55 -19.78 -2.79 -34.22
C VAL C 55 -18.54 -2.69 -35.13
N SER C 56 -17.50 -3.47 -34.83
CA SER C 56 -16.27 -3.46 -35.66
C SER C 56 -16.29 -4.47 -36.80
N PHE C 57 -17.01 -5.57 -36.68
CA PHE C 57 -17.07 -6.61 -37.71
C PHE C 57 -18.51 -7.05 -37.87
N ILE C 58 -18.91 -7.24 -39.12
CA ILE C 58 -20.20 -7.85 -39.47
C ILE C 58 -19.93 -9.26 -39.98
N ASP C 59 -20.40 -10.30 -39.27
CA ASP C 59 -20.09 -11.69 -39.57
C ASP C 59 -21.26 -12.30 -40.33
N ILE C 60 -21.06 -12.53 -41.63
CA ILE C 60 -22.10 -12.96 -42.56
C ILE C 60 -22.02 -14.46 -42.67
N GLY C 61 -23.11 -15.13 -42.35
CA GLY C 61 -23.13 -16.58 -42.40
C GLY C 61 -24.36 -17.09 -43.12
N GLY C 62 -24.17 -18.01 -44.06
CA GLY C 62 -25.22 -18.53 -44.91
C GLY C 62 -25.66 -19.95 -44.57
N GLU C 63 -25.10 -20.55 -43.50
CA GLU C 63 -25.64 -21.81 -43.00
C GLU C 63 -27.07 -21.61 -42.51
N SER C 64 -27.97 -22.48 -42.96
CA SER C 64 -29.41 -22.39 -42.67
C SER C 64 -29.67 -22.41 -41.15
N THR C 65 -30.55 -21.52 -40.70
CA THR C 65 -31.04 -21.56 -39.32
C THR C 65 -32.51 -22.03 -39.27
N SER C 73 -26.66 -26.25 -50.16
CA SER C 73 -25.29 -25.92 -49.75
C SER C 73 -24.63 -24.88 -50.64
N LEU C 74 -23.65 -25.30 -51.44
CA LEU C 74 -22.69 -24.36 -52.04
C LEU C 74 -23.41 -23.29 -52.85
N GLN C 75 -24.23 -23.68 -53.83
CA GLN C 75 -24.85 -22.64 -54.64
C GLN C 75 -25.80 -21.79 -53.81
N GLU C 76 -26.57 -22.41 -52.91
CA GLU C 76 -27.45 -21.63 -52.06
C GLU C 76 -26.65 -20.75 -51.10
N GLU C 77 -25.53 -21.27 -50.57
CA GLU C 77 -24.69 -20.42 -49.74
C GLU C 77 -24.25 -19.18 -50.52
N LEU C 78 -23.81 -19.37 -51.77
CA LEU C 78 -23.33 -18.23 -52.55
C LEU C 78 -24.44 -17.24 -52.85
N ASP C 79 -25.61 -17.74 -53.27
CA ASP C 79 -26.73 -16.87 -53.57
C ASP C 79 -27.15 -16.02 -52.36
N ARG C 80 -26.94 -16.52 -51.15
CA ARG C 80 -27.36 -15.79 -49.94
C ARG C 80 -26.32 -14.76 -49.52
N VAL C 81 -25.04 -15.12 -49.58
CA VAL C 81 -24.06 -14.25 -48.98
C VAL C 81 -23.52 -13.22 -49.96
N LEU C 82 -23.42 -13.55 -51.25
CA LEU C 82 -22.65 -12.66 -52.13
C LEU C 82 -23.35 -11.32 -52.33
N PRO C 83 -24.64 -11.27 -52.61
CA PRO C 83 -25.25 -9.94 -52.78
C PRO C 83 -25.19 -9.10 -51.52
N ILE C 84 -25.27 -9.69 -50.33
CA ILE C 84 -25.25 -8.86 -49.13
C ILE C 84 -23.86 -8.32 -48.87
N ILE C 85 -22.83 -9.15 -49.05
CA ILE C 85 -21.47 -8.68 -48.86
C ILE C 85 -21.17 -7.56 -49.83
N GLU C 86 -21.52 -7.75 -51.11
CA GLU C 86 -21.26 -6.71 -52.10
C GLU C 86 -21.94 -5.39 -51.72
N ALA C 87 -23.18 -5.44 -51.24
CA ALA C 87 -23.88 -4.21 -50.90
C ALA C 87 -23.29 -3.52 -49.66
N ILE C 88 -22.94 -4.28 -48.61
CA ILE C 88 -22.33 -3.68 -47.43
C ILE C 88 -20.98 -3.05 -47.79
N HIS C 89 -20.17 -3.80 -48.54
CA HIS C 89 -18.85 -3.35 -48.96
C HIS C 89 -18.94 -2.01 -49.65
N GLN C 90 -19.96 -1.84 -50.49
CA GLN C 90 -20.07 -0.61 -51.27
C GLN C 90 -20.52 0.58 -50.45
N ARG C 91 -21.15 0.36 -49.29
CA ARG C 91 -21.74 1.43 -48.51
C ARG C 91 -21.05 1.74 -47.18
N PHE C 92 -20.28 0.80 -46.61
CA PHE C 92 -19.73 0.94 -45.27
C PHE C 92 -18.27 0.50 -45.27
N ASP C 93 -17.46 1.16 -44.44
N ASP C 93 -17.45 1.16 -44.44
CA ASP C 93 -16.06 0.77 -44.27
CA ASP C 93 -16.06 0.73 -44.30
C ASP C 93 -15.87 -0.29 -43.21
C ASP C 93 -15.87 -0.32 -43.22
N THR C 94 -16.95 -0.69 -42.52
CA THR C 94 -16.87 -1.69 -41.48
C THR C 94 -16.34 -3.01 -42.02
N TRP C 95 -15.55 -3.69 -41.22
CA TRP C 95 -15.03 -5.00 -41.64
C TRP C 95 -16.15 -6.00 -41.83
N ILE C 96 -16.05 -6.78 -42.90
CA ILE C 96 -16.97 -7.87 -43.17
C ILE C 96 -16.24 -9.18 -42.99
N SER C 97 -16.78 -10.05 -42.14
N SER C 97 -16.80 -10.08 -42.19
CA SER C 97 -16.30 -11.41 -41.99
CA SER C 97 -16.23 -11.41 -42.02
C SER C 97 -17.23 -12.35 -42.74
C SER C 97 -17.18 -12.46 -42.58
N ILE C 98 -16.64 -13.32 -43.43
CA ILE C 98 -17.42 -14.42 -44.05
C ILE C 98 -17.25 -15.66 -43.17
N ASP C 99 -18.38 -16.16 -42.66
CA ASP C 99 -18.41 -17.29 -41.76
C ASP C 99 -18.67 -18.53 -42.62
N THR C 100 -17.59 -19.20 -43.02
CA THR C 100 -17.71 -20.34 -43.92
C THR C 100 -16.50 -21.23 -43.70
N SER C 101 -16.65 -22.51 -44.10
CA SER C 101 -15.58 -23.48 -44.18
C SER C 101 -15.24 -23.87 -45.60
N LYS C 102 -16.02 -23.41 -46.58
CA LYS C 102 -15.88 -23.90 -47.94
C LYS C 102 -14.96 -22.98 -48.73
N ALA C 103 -13.95 -23.57 -49.38
CA ALA C 103 -12.99 -22.77 -50.15
C ALA C 103 -13.69 -21.90 -51.21
N VAL C 104 -14.66 -22.45 -51.96
CA VAL C 104 -15.30 -21.64 -53.00
C VAL C 104 -16.00 -20.42 -52.41
N VAL C 105 -16.66 -20.60 -51.27
CA VAL C 105 -17.32 -19.45 -50.65
C VAL C 105 -16.28 -18.42 -50.19
N GLU C 107 -13.40 -17.82 -51.48
CA GLU C 107 -12.85 -17.18 -52.67
C GLU C 107 -13.80 -16.12 -53.21
N GLU C 108 -15.06 -16.51 -53.42
CA GLU C 108 -16.03 -15.59 -54.00
C GLU C 108 -16.38 -14.46 -53.05
N ALA C 109 -16.43 -14.74 -51.73
CA ALA C 109 -16.80 -13.69 -50.77
C ALA C 109 -15.72 -12.62 -50.70
N VAL C 110 -14.45 -13.03 -50.67
CA VAL C 110 -13.40 -12.01 -50.62
C VAL C 110 -13.39 -11.17 -51.89
N LYS C 111 -13.74 -11.77 -53.05
CA LYS C 111 -13.75 -11.04 -54.30
C LYS C 111 -14.78 -9.92 -54.31
N VAL C 112 -15.89 -10.07 -53.59
CA VAL C 112 -16.89 -9.01 -53.55
C VAL C 112 -16.79 -8.18 -52.29
N GLY C 113 -15.76 -8.39 -51.47
CA GLY C 113 -15.52 -7.47 -50.39
C GLY C 113 -15.33 -7.98 -48.98
N ALA C 114 -15.39 -9.29 -48.74
CA ALA C 114 -15.14 -9.78 -47.38
C ALA C 114 -13.71 -9.48 -46.97
N ASP C 115 -13.52 -9.06 -45.71
CA ASP C 115 -12.23 -8.62 -45.17
C ASP C 115 -11.56 -9.62 -44.26
N LEU C 116 -12.29 -10.65 -43.84
CA LEU C 116 -11.80 -11.60 -42.86
C LEU C 116 -12.57 -12.90 -43.09
N ILE C 117 -11.90 -14.03 -42.88
CA ILE C 117 -12.55 -15.34 -43.03
C ILE C 117 -12.65 -15.95 -41.64
N ASN C 118 -13.86 -16.31 -41.24
CA ASN C 118 -14.09 -16.90 -39.92
C ASN C 118 -14.38 -18.38 -40.18
N ASP C 119 -13.44 -19.29 -39.84
CA ASP C 119 -13.56 -20.69 -40.24
C ASP C 119 -13.53 -21.64 -39.04
N VAL C 120 -14.69 -22.23 -38.75
CA VAL C 120 -14.78 -23.19 -37.65
C VAL C 120 -13.95 -24.43 -37.93
N ARG C 121 -13.64 -24.69 -39.20
CA ARG C 121 -12.78 -25.83 -39.53
C ARG C 121 -11.30 -25.44 -39.70
N ALA C 122 -10.93 -24.20 -39.43
CA ALA C 122 -9.53 -23.78 -39.34
C ALA C 122 -8.75 -24.12 -40.63
N LEU C 123 -9.37 -23.81 -41.77
CA LEU C 123 -8.77 -23.97 -43.10
C LEU C 123 -8.35 -25.42 -43.37
N GLN C 124 -9.02 -26.40 -42.78
CA GLN C 124 -8.66 -27.78 -43.02
C GLN C 124 -9.46 -28.41 -44.16
N GLU C 125 -10.51 -27.73 -44.67
CA GLU C 125 -11.28 -28.30 -45.76
C GLU C 125 -10.47 -28.22 -47.05
N PRO C 126 -10.79 -29.10 -48.02
CA PRO C 126 -10.04 -29.13 -49.28
C PRO C 126 -9.94 -27.77 -49.94
N ASN C 127 -8.70 -27.36 -50.20
CA ASN C 127 -8.35 -26.13 -50.89
C ASN C 127 -8.53 -24.86 -50.06
N ALA C 128 -9.00 -24.95 -48.79
CA ALA C 128 -9.23 -23.74 -48.00
C ALA C 128 -7.92 -22.99 -47.75
N LEU C 129 -6.86 -23.72 -47.43
CA LEU C 129 -5.59 -23.07 -47.11
C LEU C 129 -5.07 -22.30 -48.32
N LYS C 130 -5.16 -22.92 -49.50
CA LYS C 130 -4.72 -22.28 -50.74
C LYS C 130 -5.53 -21.01 -51.03
N VAL C 131 -6.85 -21.12 -50.91
CA VAL C 131 -7.72 -19.99 -51.19
C VAL C 131 -7.51 -18.86 -50.19
N ALA C 132 -7.35 -19.18 -48.90
CA ALA C 132 -7.10 -18.15 -47.88
C ALA C 132 -5.77 -17.44 -48.13
N ALA C 133 -4.76 -18.18 -48.60
CA ALA C 133 -3.47 -17.59 -48.94
C ALA C 133 -3.62 -16.60 -50.09
N GLU C 134 -4.37 -16.97 -51.13
CA GLU C 134 -4.56 -16.09 -52.27
C GLU C 134 -5.41 -14.89 -51.90
N ALA C 135 -6.31 -15.07 -50.95
CA ALA C 135 -7.18 -13.98 -50.55
C ALA C 135 -6.42 -12.85 -49.83
N ASN C 136 -5.36 -13.19 -49.08
CA ASN C 136 -4.56 -12.21 -48.38
C ASN C 136 -5.42 -11.41 -47.38
N VAL C 137 -6.30 -12.11 -46.67
CA VAL C 137 -7.08 -11.53 -45.59
C VAL C 137 -6.78 -12.29 -44.30
N PRO C 138 -7.05 -11.68 -43.15
CA PRO C 138 -6.87 -12.41 -41.88
C PRO C 138 -7.89 -13.54 -41.76
N VAL C 139 -7.54 -14.54 -40.94
CA VAL C 139 -8.36 -15.74 -40.78
C VAL C 139 -8.51 -16.03 -39.30
N CYS C 140 -9.73 -16.25 -38.85
N CYS C 140 -9.75 -16.21 -38.87
CA CYS C 140 -9.97 -16.76 -37.52
CA CYS C 140 -10.04 -16.80 -37.58
C CYS C 140 -10.05 -18.29 -37.57
C CYS C 140 -9.96 -18.31 -37.71
N LEU C 141 -9.12 -18.94 -36.91
CA LEU C 141 -9.06 -20.40 -36.83
C LEU C 141 -9.71 -20.88 -35.54
N HIS C 143 -10.35 -23.82 -32.79
CA HIS C 143 -9.97 -25.15 -32.33
C HIS C 143 -11.23 -25.95 -31.98
N GLN C 145 -11.89 -29.22 -30.28
CA GLN C 145 -11.27 -30.34 -29.57
C GLN C 145 -12.10 -31.61 -29.76
N GLY C 146 -11.41 -32.72 -29.85
CA GLY C 146 -12.08 -34.02 -29.85
C GLY C 146 -12.45 -34.41 -28.42
N GLN C 147 -11.90 -35.52 -27.93
CA GLN C 147 -12.27 -35.97 -26.60
C GLN C 147 -11.82 -34.95 -25.56
N PRO C 148 -12.51 -34.85 -24.42
CA PRO C 148 -12.00 -34.03 -23.33
C PRO C 148 -10.74 -34.71 -22.80
N ARG C 149 -9.94 -33.93 -22.11
CA ARG C 149 -8.69 -34.46 -21.58
C ARG C 149 -8.56 -33.90 -20.17
N THR C 150 -8.66 -34.75 -19.16
CA THR C 150 -8.58 -34.25 -17.80
C THR C 150 -7.11 -33.98 -17.44
N GLN C 152 -3.79 -34.29 -15.37
CA GLN C 152 -3.21 -35.37 -14.60
C GLN C 152 -3.14 -35.03 -13.12
N THR C 153 -2.88 -33.76 -12.80
CA THR C 153 -2.67 -33.43 -11.40
C THR C 153 -3.98 -33.19 -10.68
N ASN C 154 -5.05 -32.93 -11.42
CA ASN C 154 -6.36 -32.69 -10.83
C ASN C 154 -7.45 -33.03 -11.84
N PRO C 155 -7.83 -34.30 -11.90
CA PRO C 155 -8.74 -34.78 -12.94
C PRO C 155 -10.16 -34.21 -12.83
N SER C 156 -10.48 -33.48 -11.76
CA SER C 156 -11.75 -32.71 -11.70
C SER C 156 -11.81 -31.60 -12.73
N TYR C 157 -10.68 -31.25 -13.35
CA TYR C 157 -10.62 -30.20 -14.34
C TYR C 157 -10.03 -30.72 -15.64
N GLN C 158 -10.24 -29.92 -16.67
CA GLN C 158 -9.75 -30.21 -18.01
C GLN C 158 -8.31 -29.72 -18.16
N ASP C 159 -7.55 -30.44 -18.96
CA ASP C 159 -6.34 -29.93 -19.61
C ASP C 159 -6.75 -29.11 -20.81
N LEU C 160 -6.73 -27.78 -20.64
CA LEU C 160 -7.21 -26.88 -21.68
C LEU C 160 -6.17 -26.60 -22.77
N PHE C 161 -4.92 -27.06 -22.61
CA PHE C 161 -3.83 -26.55 -23.43
C PHE C 161 -3.07 -27.57 -24.28
N THR C 162 -3.08 -28.85 -23.93
CA THR C 162 -2.26 -29.80 -24.69
C THR C 162 -2.73 -29.94 -26.14
N ASP C 163 -4.02 -30.17 -26.34
CA ASP C 163 -4.54 -30.33 -27.69
C ASP C 163 -4.47 -29.03 -28.50
N ILE C 164 -4.85 -27.88 -27.93
CA ILE C 164 -4.83 -26.66 -28.75
C ILE C 164 -3.38 -26.29 -29.11
N SER C 165 -2.42 -26.60 -28.24
CA SER C 165 -1.03 -26.28 -28.59
C SER C 165 -0.57 -27.06 -29.80
N SER C 166 -0.92 -28.35 -29.85
N SER C 166 -0.92 -28.35 -29.87
CA SER C 166 -0.53 -29.18 -30.97
CA SER C 166 -0.51 -29.15 -31.01
C SER C 166 -1.24 -28.73 -32.24
C SER C 166 -1.24 -28.71 -32.25
N PHE C 167 -2.53 -28.38 -32.10
CA PHE C 167 -3.32 -27.89 -33.23
C PHE C 167 -2.72 -26.61 -33.78
N LEU C 168 -2.35 -25.68 -32.89
CA LEU C 168 -1.89 -24.36 -33.36
C LEU C 168 -0.52 -24.46 -33.98
N SER C 169 0.37 -25.25 -33.37
CA SER C 169 1.66 -25.44 -33.97
C SER C 169 1.52 -25.92 -35.41
N GLU C 170 0.62 -26.88 -35.64
CA GLU C 170 0.46 -27.45 -36.98
C GLU C 170 -0.17 -26.44 -37.94
N ARG C 171 -1.19 -25.71 -37.48
CA ARG C 171 -1.88 -24.76 -38.35
C ARG C 171 -0.97 -23.60 -38.70
N ILE C 172 -0.20 -23.11 -37.72
CA ILE C 172 0.67 -21.98 -38.02
C ILE C 172 1.73 -22.41 -39.02
N ASP C 173 2.24 -23.64 -38.86
CA ASP C 173 3.20 -24.11 -39.83
C ASP C 173 2.60 -24.29 -41.22
N ALA C 174 1.39 -24.88 -41.29
CA ALA C 174 0.69 -24.99 -42.56
C ALA C 174 0.44 -23.63 -43.21
N CYS C 175 0.01 -22.64 -42.41
CA CYS C 175 -0.20 -21.29 -42.95
C CYS C 175 1.11 -20.71 -43.48
N GLN C 176 2.20 -20.89 -42.74
CA GLN C 176 3.48 -20.35 -43.20
C GLN C 176 3.93 -21.01 -44.50
N SER C 177 3.58 -22.30 -44.70
CA SER C 177 3.93 -22.98 -45.95
C SER C 177 3.29 -22.33 -47.17
N VAL C 178 2.10 -21.74 -47.04
CA VAL C 178 1.45 -21.10 -48.18
C VAL C 178 1.58 -19.59 -48.12
N GLY C 179 2.40 -19.07 -47.22
CA GLY C 179 2.66 -17.65 -47.16
C GLY C 179 1.71 -16.82 -46.32
N ILE C 180 0.91 -17.45 -45.44
CA ILE C 180 0.08 -16.72 -44.48
C ILE C 180 0.90 -16.54 -43.20
N ALA C 181 1.24 -15.30 -42.90
CA ALA C 181 2.03 -14.98 -41.72
C ALA C 181 1.20 -15.16 -40.45
N LYS C 182 1.89 -15.41 -39.34
CA LYS C 182 1.19 -15.57 -38.06
C LYS C 182 0.36 -14.35 -37.70
N ASP C 183 0.77 -13.13 -38.13
CA ASP C 183 0.00 -11.94 -37.79
C ASP C 183 -1.32 -11.80 -38.56
N LYS C 184 -1.62 -12.71 -39.48
CA LYS C 184 -2.93 -12.77 -40.11
C LYS C 184 -3.91 -13.66 -39.35
N LEU C 185 -3.50 -14.30 -38.25
CA LEU C 185 -4.31 -15.34 -37.61
C LEU C 185 -4.96 -14.83 -36.33
N ILE C 186 -6.21 -15.27 -36.13
CA ILE C 186 -7.00 -15.04 -34.92
C ILE C 186 -7.40 -16.40 -34.36
N LEU C 187 -7.37 -16.53 -33.03
CA LEU C 187 -7.68 -17.78 -32.36
C LEU C 187 -9.05 -17.74 -31.72
N ASP C 188 -9.93 -18.66 -32.13
CA ASP C 188 -11.18 -18.92 -31.42
C ASP C 188 -11.00 -20.23 -30.64
N PRO C 189 -11.02 -20.23 -29.31
CA PRO C 189 -10.81 -21.50 -28.59
C PRO C 189 -12.01 -22.45 -28.60
N GLY C 190 -13.15 -22.05 -29.14
CA GLY C 190 -14.17 -23.03 -29.44
C GLY C 190 -15.13 -23.34 -28.30
N PHE C 191 -15.74 -22.32 -27.72
CA PHE C 191 -16.83 -22.62 -26.81
C PHE C 191 -17.93 -23.46 -27.45
N GLY C 192 -18.46 -24.40 -26.68
CA GLY C 192 -19.49 -25.28 -27.18
C GLY C 192 -18.93 -26.53 -27.84
N PHE C 193 -19.54 -26.94 -28.96
CA PHE C 193 -19.11 -28.10 -29.75
C PHE C 193 -18.95 -29.36 -28.90
N GLY C 194 -19.96 -29.64 -28.05
CA GLY C 194 -20.02 -30.86 -27.30
C GLY C 194 -19.39 -30.83 -25.93
N LYS C 195 -18.82 -29.70 -25.50
CA LYS C 195 -18.20 -29.65 -24.18
C LYS C 195 -19.26 -29.61 -23.10
N THR C 196 -18.92 -30.13 -21.93
CA THR C 196 -19.80 -30.03 -20.78
C THR C 196 -19.90 -28.57 -20.31
N LEU C 197 -20.88 -28.31 -19.42
CA LEU C 197 -20.93 -27.01 -18.77
C LEU C 197 -19.64 -26.71 -18.03
N ALA C 198 -19.14 -27.69 -17.26
CA ALA C 198 -17.90 -27.49 -16.50
C ALA C 198 -16.74 -27.08 -17.41
N HIS C 199 -16.58 -27.82 -18.50
CA HIS C 199 -15.49 -27.58 -19.45
C HIS C 199 -15.59 -26.18 -20.08
N ASN C 200 -16.78 -25.81 -20.56
CA ASN C 200 -16.99 -24.48 -21.13
C ASN C 200 -16.70 -23.37 -20.12
N TYR C 201 -17.17 -23.53 -18.88
CA TYR C 201 -16.90 -22.49 -17.88
C TYR C 201 -15.44 -22.48 -17.40
N GLN C 202 -14.75 -23.64 -17.39
CA GLN C 202 -13.31 -23.59 -17.13
C GLN C 202 -12.56 -22.84 -18.24
N LEU C 203 -12.99 -23.00 -19.49
CA LEU C 203 -12.36 -22.29 -20.61
C LEU C 203 -12.55 -20.79 -20.42
N LEU C 204 -13.75 -20.40 -20.01
CA LEU C 204 -13.99 -18.98 -19.75
C LEU C 204 -13.16 -18.52 -18.54
N ALA C 205 -13.12 -19.33 -17.48
CA ALA C 205 -12.37 -18.96 -16.28
C ALA C 205 -10.90 -18.73 -16.55
N GLU C 206 -10.36 -19.42 -17.55
CA GLU C 206 -8.95 -19.40 -17.86
C GLU C 206 -8.65 -18.68 -19.17
N LEU C 207 -9.62 -17.93 -19.69
CA LEU C 207 -9.50 -17.40 -21.04
C LEU C 207 -8.25 -16.54 -21.18
N GLU C 208 -7.88 -15.79 -20.12
CA GLU C 208 -6.72 -14.92 -20.29
C GLU C 208 -5.41 -15.70 -20.50
N ARG C 209 -5.36 -17.00 -20.13
CA ARG C 209 -4.15 -17.78 -20.40
C ARG C 209 -3.96 -18.05 -21.87
N PHE C 210 -4.99 -17.90 -22.67
CA PHE C 210 -4.83 -18.18 -24.09
C PHE C 210 -4.08 -17.07 -24.84
N HIS C 211 -3.88 -15.91 -24.21
CA HIS C 211 -3.05 -14.87 -24.86
C HIS C 211 -1.61 -15.33 -25.01
N GLN C 212 -1.19 -16.36 -24.26
CA GLN C 212 0.17 -16.90 -24.39
C GLN C 212 0.49 -17.39 -25.80
N PHE C 213 -0.49 -17.77 -26.62
CA PHE C 213 -0.16 -18.22 -27.97
C PHE C 213 0.20 -17.08 -28.91
N GLY C 214 0.04 -15.82 -28.50
CA GLY C 214 0.49 -14.72 -29.32
C GLY C 214 -0.49 -14.27 -30.39
N LEU C 215 -1.72 -14.75 -30.35
CA LEU C 215 -2.70 -14.36 -31.36
C LEU C 215 -3.86 -13.61 -30.71
N PRO C 216 -4.53 -12.71 -31.42
CA PRO C 216 -5.75 -12.11 -30.85
C PRO C 216 -6.78 -13.20 -30.66
N LEU C 217 -7.61 -13.03 -29.63
CA LEU C 217 -8.63 -14.02 -29.28
C LEU C 217 -10.00 -13.58 -29.77
N LEU C 218 -10.79 -14.55 -30.23
CA LEU C 218 -12.20 -14.34 -30.59
C LEU C 218 -13.02 -15.21 -29.64
N ALA C 219 -13.84 -14.58 -28.81
CA ALA C 219 -14.70 -15.34 -27.90
C ALA C 219 -16.12 -15.29 -28.44
N GLY C 220 -16.71 -16.47 -28.69
CA GLY C 220 -18.07 -16.54 -29.17
C GLY C 220 -18.91 -17.41 -28.28
N SER C 222 -22.26 -16.30 -27.29
CA SER C 222 -23.61 -15.73 -27.33
C SER C 222 -24.68 -16.78 -27.61
N ARG C 223 -25.66 -16.88 -26.72
CA ARG C 223 -26.79 -17.80 -26.89
C ARG C 223 -26.36 -19.27 -27.02
N LYS C 224 -25.17 -19.64 -26.56
CA LYS C 224 -24.80 -21.04 -26.65
C LYS C 224 -25.36 -21.82 -25.47
N SER C 225 -25.33 -23.16 -25.59
CA SER C 225 -25.90 -23.99 -24.54
C SER C 225 -25.25 -23.75 -23.19
N VAL C 227 -24.86 -21.08 -21.82
CA VAL C 227 -25.68 -20.07 -21.18
C VAL C 227 -27.08 -20.64 -20.94
N PHE C 228 -27.78 -21.06 -22.00
CA PHE C 228 -29.20 -21.36 -21.81
C PHE C 228 -29.43 -22.65 -21.01
N LYS C 229 -28.50 -23.61 -21.05
CA LYS C 229 -28.69 -24.80 -20.21
C LYS C 229 -28.34 -24.49 -18.75
N LEU C 230 -27.34 -23.66 -18.50
CA LEU C 230 -27.08 -23.27 -17.11
C LEU C 230 -28.29 -22.61 -16.50
N LEU C 231 -28.92 -21.69 -17.23
CA LEU C 231 -30.05 -20.93 -16.72
C LEU C 231 -31.38 -21.62 -16.96
N ASP C 232 -31.39 -22.73 -17.71
CA ASP C 232 -32.59 -23.44 -18.14
C ASP C 232 -33.62 -22.50 -18.77
N VAL C 233 -33.24 -21.93 -19.93
CA VAL C 233 -34.10 -21.04 -20.71
C VAL C 233 -33.98 -21.44 -22.17
N GLU C 234 -34.85 -20.88 -23.00
CA GLU C 234 -34.68 -21.06 -24.44
C GLU C 234 -33.52 -20.18 -24.92
N PRO C 235 -32.84 -20.61 -25.98
CA PRO C 235 -31.71 -19.79 -26.49
C PRO C 235 -32.10 -18.36 -26.76
N LYS C 236 -33.34 -18.16 -27.25
CA LYS C 236 -33.96 -16.85 -27.42
C LYS C 236 -33.82 -15.95 -26.20
N ALA C 238 -31.68 -15.86 -23.68
CA ALA C 238 -30.39 -15.98 -23.03
C ALA C 238 -29.60 -14.66 -23.02
N LEU C 239 -30.29 -13.53 -23.08
CA LEU C 239 -29.58 -12.25 -23.26
C LEU C 239 -28.69 -11.94 -22.06
N SER C 240 -29.26 -11.90 -20.84
CA SER C 240 -28.45 -11.48 -19.68
C SER C 240 -27.28 -12.41 -19.46
N GLY C 241 -27.53 -13.71 -19.57
CA GLY C 241 -26.43 -14.64 -19.40
C GLY C 241 -25.36 -14.43 -20.46
N SER C 242 -25.78 -14.12 -21.68
CA SER C 242 -24.80 -13.89 -22.74
C SER C 242 -23.98 -12.64 -22.48
N LEU C 243 -24.64 -11.58 -21.96
CA LEU C 243 -23.89 -10.36 -21.60
C LEU C 243 -22.91 -10.61 -20.47
N ALA C 244 -23.27 -11.47 -19.48
CA ALA C 244 -22.30 -11.79 -18.44
C ALA C 244 -21.06 -12.46 -19.02
N CYS C 245 -21.25 -13.45 -19.91
CA CYS C 245 -20.08 -14.12 -20.47
C CYS C 245 -19.23 -13.16 -21.28
N ALA C 246 -19.89 -12.25 -22.03
CA ALA C 246 -19.14 -11.27 -22.80
C ALA C 246 -18.32 -10.38 -21.88
N THR C 247 -18.88 -10.01 -20.71
CA THR C 247 -18.16 -9.14 -19.78
C THR C 247 -16.96 -9.85 -19.20
N ILE C 248 -17.11 -11.13 -18.87
CA ILE C 248 -16.00 -11.89 -18.32
C ILE C 248 -14.91 -12.02 -19.36
N ALA C 249 -15.27 -12.31 -20.60
CA ALA C 249 -14.28 -12.40 -21.67
C ALA C 249 -13.60 -11.04 -21.93
N ALA C 250 -14.36 -9.94 -21.94
CA ALA C 250 -13.73 -8.64 -22.16
C ALA C 250 -12.80 -8.29 -21.01
N LYS C 252 -11.06 -10.29 -19.43
CA LYS C 252 -9.91 -11.14 -19.66
C LYS C 252 -9.21 -10.81 -20.98
N GLY C 253 -9.61 -9.72 -21.62
CA GLY C 253 -8.86 -9.16 -22.72
C GLY C 253 -9.13 -9.76 -24.08
N ALA C 254 -10.25 -10.46 -24.25
CA ALA C 254 -10.55 -10.99 -25.57
C ALA C 254 -10.78 -9.85 -26.55
N GLN C 255 -10.01 -9.83 -27.63
CA GLN C 255 -10.01 -8.66 -28.51
C GLN C 255 -11.24 -8.60 -29.41
N ILE C 256 -11.85 -9.76 -29.71
CA ILE C 256 -13.05 -9.81 -30.56
C ILE C 256 -14.10 -10.62 -29.80
N ILE C 257 -15.29 -10.06 -29.63
CA ILE C 257 -16.41 -10.78 -28.98
C ILE C 257 -17.55 -10.84 -29.97
N ARG C 258 -17.97 -12.07 -30.27
CA ARG C 258 -18.89 -12.33 -31.38
C ARG C 258 -20.25 -12.57 -30.77
N VAL C 259 -21.27 -11.78 -31.13
CA VAL C 259 -22.54 -11.80 -30.42
C VAL C 259 -23.72 -11.62 -31.36
N HIS C 260 -24.88 -12.09 -30.89
CA HIS C 260 -26.15 -11.73 -31.51
C HIS C 260 -26.64 -10.36 -31.08
N ASP C 261 -26.54 -10.04 -29.78
CA ASP C 261 -27.18 -8.86 -29.19
C ASP C 261 -26.15 -7.75 -29.16
N PHE C 262 -25.93 -7.17 -30.34
CA PHE C 262 -24.79 -6.28 -30.50
C PHE C 262 -25.01 -4.93 -29.82
N GLU C 263 -26.24 -4.41 -29.76
CA GLU C 263 -26.43 -3.10 -29.10
C GLU C 263 -26.08 -3.19 -27.61
N GLN C 264 -26.58 -4.22 -26.94
CA GLN C 264 -26.31 -4.39 -25.52
C GLN C 264 -24.85 -4.71 -25.27
N THR C 265 -24.20 -5.43 -26.21
CA THR C 265 -22.81 -5.81 -26.00
C THR C 265 -21.89 -4.60 -26.13
N ASP C 267 -22.55 -1.75 -24.91
CA ASP C 267 -22.55 -1.14 -23.60
C ASP C 267 -21.62 -1.88 -22.67
N ILE C 268 -21.67 -3.22 -22.71
CA ILE C 268 -20.83 -3.94 -21.75
C ILE C 268 -19.35 -3.77 -22.09
N VAL C 269 -18.97 -3.68 -23.38
N VAL C 269 -19.02 -3.63 -23.38
CA VAL C 269 -17.52 -3.52 -23.59
CA VAL C 269 -17.62 -3.49 -23.74
C VAL C 269 -17.07 -2.09 -23.19
C VAL C 269 -17.08 -2.11 -23.33
N LYS C 270 -17.95 -1.10 -23.29
CA LYS C 270 -17.57 0.25 -22.82
C LYS C 270 -17.31 0.26 -21.30
N VAL C 271 -18.14 -0.44 -20.54
CA VAL C 271 -17.96 -0.55 -19.09
C VAL C 271 -16.67 -1.29 -18.80
N CYS C 272 -16.42 -2.39 -19.52
CA CYS C 272 -15.17 -3.14 -19.27
C CYS C 272 -13.95 -2.29 -19.58
N GLN C 273 -13.99 -1.56 -20.69
CA GLN C 273 -12.87 -0.72 -21.09
C GLN C 273 -12.64 0.37 -20.06
N ALA C 274 -13.72 0.97 -19.53
CA ALA C 274 -13.55 1.95 -18.47
C ALA C 274 -12.90 1.32 -17.25
N THR C 275 -13.26 0.08 -16.92
CA THR C 275 -12.69 -0.56 -15.74
C THR C 275 -11.21 -0.90 -15.98
N LEU C 276 -10.90 -1.43 -17.17
CA LEU C 276 -9.53 -1.78 -17.47
C LEU C 276 -8.62 -0.55 -17.48
N GLU C 277 -9.15 0.61 -17.92
CA GLU C 277 -8.37 1.84 -17.96
C GLU C 277 -7.96 2.31 -16.57
N GLN C 278 -8.69 1.88 -15.55
CA GLN C 278 -8.35 2.24 -14.18
C GLN C 278 -7.79 1.05 -13.40
N SER C 279 -7.29 0.03 -14.12
CA SER C 279 -6.81 -1.17 -13.45
C SER C 279 -5.31 -1.12 -13.33
N PRO C 280 -4.77 -1.56 -12.25
CA PRO C 280 -3.32 -1.60 -12.12
C PRO C 280 -2.72 -2.73 -12.93
N HIS C 281 -1.41 -2.79 -12.93
CA HIS C 281 -0.64 -3.88 -13.52
C HIS C 281 0.62 -4.03 -12.69
N ALA D 3 -15.80 -19.21 3.96
CA ALA D 3 -16.88 -18.33 3.57
C ALA D 3 -17.64 -17.92 4.80
N LYS D 5 -20.45 -16.60 7.53
CA LYS D 5 -21.84 -16.88 7.86
C LYS D 5 -22.44 -15.62 8.48
N LEU D 6 -23.44 -15.05 7.81
CA LEU D 6 -24.15 -13.90 8.32
C LEU D 6 -25.30 -14.35 9.21
N ILE D 7 -25.39 -13.81 10.42
CA ILE D 7 -26.39 -14.20 11.41
C ILE D 7 -27.24 -13.00 11.78
N SER D 8 -28.58 -13.16 11.70
CA SER D 8 -29.52 -12.14 12.18
C SER D 8 -30.52 -12.85 13.08
N LYS D 9 -30.24 -12.86 14.38
CA LYS D 9 -31.12 -13.51 15.34
C LYS D 9 -31.44 -14.93 14.88
N ASN D 10 -32.69 -15.16 14.46
CA ASN D 10 -33.14 -16.50 14.07
C ASN D 10 -32.73 -16.91 12.66
N LYS D 11 -32.19 -16.00 11.84
CA LYS D 11 -31.87 -16.26 10.45
C LYS D 11 -30.36 -16.36 10.25
N SER D 12 -29.98 -17.08 9.21
CA SER D 12 -28.58 -17.32 8.90
C SER D 12 -28.41 -17.44 7.39
N LEU D 13 -27.37 -16.79 6.86
N LEU D 13 -27.34 -16.83 6.85
CA LEU D 13 -27.02 -16.84 5.45
CA LEU D 13 -27.05 -16.82 5.42
C LEU D 13 -25.55 -17.19 5.32
C LEU D 13 -25.57 -17.03 5.16
N LEU D 14 -25.24 -18.04 4.34
CA LEU D 14 -23.86 -18.39 4.04
C LEU D 14 -23.36 -17.58 2.85
N LEU D 15 -22.39 -16.71 3.08
CA LEU D 15 -21.91 -15.81 2.04
C LEU D 15 -20.76 -16.42 1.26
N ASP D 16 -21.04 -17.53 0.59
CA ASP D 16 -20.02 -18.29 -0.14
C ASP D 16 -20.05 -18.02 -1.64
N ARG D 17 -20.75 -16.98 -2.03
CA ARG D 17 -21.06 -16.67 -3.42
C ARG D 17 -21.74 -15.30 -3.38
N SER D 18 -22.02 -14.75 -4.56
CA SER D 18 -22.67 -13.44 -4.59
C SER D 18 -24.17 -13.63 -4.40
N HIS D 19 -24.72 -12.88 -3.46
CA HIS D 19 -26.15 -12.85 -3.18
C HIS D 19 -26.71 -11.55 -3.74
N VAL D 20 -27.95 -11.60 -4.24
CA VAL D 20 -28.55 -10.39 -4.82
C VAL D 20 -29.43 -9.73 -3.77
N GLY D 22 -32.37 -6.95 -3.75
CA GLY D 22 -33.23 -6.23 -4.68
C GLY D 22 -33.73 -4.96 -4.02
N ILE D 23 -33.73 -3.88 -4.79
CA ILE D 23 -34.17 -2.57 -4.32
C ILE D 23 -35.68 -2.47 -4.48
N LEU D 24 -36.39 -2.37 -3.36
CA LEU D 24 -37.84 -2.21 -3.37
C LEU D 24 -38.08 -0.74 -3.04
N ASN D 25 -38.35 0.06 -4.05
CA ASN D 25 -38.68 1.47 -3.79
C ASN D 25 -40.15 1.59 -3.42
N VAL D 26 -40.41 2.30 -2.34
CA VAL D 26 -41.78 2.45 -1.86
C VAL D 26 -42.14 3.93 -1.89
N THR D 27 -41.71 4.62 -2.95
CA THR D 27 -41.93 6.03 -3.27
C THR D 27 -43.27 6.21 -3.99
N PRO D 28 -44.18 7.08 -3.49
CA PRO D 28 -45.46 7.33 -4.17
C PRO D 28 -45.29 7.94 -5.57
N PHE D 37 -46.51 2.28 -9.39
CA PHE D 37 -47.39 2.09 -8.23
C PHE D 37 -46.64 1.40 -7.12
N THR D 38 -46.82 1.90 -5.89
CA THR D 38 -46.00 1.47 -4.76
C THR D 38 -46.79 1.32 -3.47
N HIS D 39 -48.12 1.36 -3.52
CA HIS D 39 -48.95 1.03 -2.37
C HIS D 39 -48.63 -0.38 -1.89
N LEU D 40 -49.17 -0.74 -0.72
CA LEU D 40 -48.72 -1.95 -0.05
C LEU D 40 -48.84 -3.17 -0.97
N ASP D 41 -50.00 -3.32 -1.63
CA ASP D 41 -50.21 -4.51 -2.45
C ASP D 41 -49.22 -4.56 -3.62
N ALA D 42 -48.95 -3.43 -4.26
CA ALA D 42 -48.01 -3.45 -5.39
C ALA D 42 -46.58 -3.70 -4.92
N ALA D 43 -46.22 -3.20 -3.73
CA ALA D 43 -44.89 -3.50 -3.21
C ALA D 43 -44.75 -4.98 -2.90
N LEU D 44 -45.79 -5.58 -2.35
CA LEU D 44 -45.73 -7.00 -2.02
C LEU D 44 -45.65 -7.85 -3.28
N LYS D 45 -46.36 -7.44 -4.33
CA LYS D 45 -46.27 -8.17 -5.59
C LYS D 45 -44.84 -8.18 -6.12
N GLN D 46 -44.12 -7.06 -5.95
CA GLN D 46 -42.74 -7.05 -6.45
C GLN D 46 -41.82 -7.85 -5.55
N ALA D 47 -42.07 -7.78 -4.24
CA ALA D 47 -41.36 -8.65 -3.31
C ALA D 47 -41.51 -10.11 -3.68
N GLU D 48 -42.73 -10.56 -4.01
CA GLU D 48 -42.88 -11.99 -4.30
C GLU D 48 -42.11 -12.37 -5.56
N LYS D 49 -42.06 -11.47 -6.53
CA LYS D 49 -41.25 -11.68 -7.72
C LYS D 49 -39.77 -11.83 -7.37
N VAL D 51 -38.58 -12.89 -4.44
CA VAL D 51 -38.43 -14.18 -3.76
C VAL D 51 -38.36 -15.32 -4.77
N LYS D 52 -39.29 -15.34 -5.73
CA LYS D 52 -39.32 -16.41 -6.73
C LYS D 52 -38.05 -16.44 -7.57
N ALA D 53 -37.43 -15.28 -7.81
CA ALA D 53 -36.24 -15.23 -8.65
C ALA D 53 -34.99 -15.69 -7.93
N GLY D 54 -35.03 -15.77 -6.60
CA GLY D 54 -33.90 -16.18 -5.82
C GLY D 54 -33.15 -15.05 -5.15
N VAL D 55 -33.73 -13.87 -5.08
CA VAL D 55 -33.10 -12.75 -4.36
C VAL D 55 -32.97 -13.11 -2.87
N SER D 56 -31.83 -12.72 -2.27
CA SER D 56 -31.54 -13.08 -0.89
C SER D 56 -31.93 -11.98 0.08
N PHE D 57 -31.90 -10.74 -0.35
CA PHE D 57 -32.31 -9.61 0.52
C PHE D 57 -33.28 -8.72 -0.24
N ILE D 58 -34.25 -8.18 0.50
CA ILE D 58 -35.16 -7.17 -0.04
C ILE D 58 -34.84 -5.86 0.68
N ASP D 59 -34.34 -4.85 -0.06
CA ASP D 59 -33.93 -3.58 0.54
C ASP D 59 -35.06 -2.55 0.43
N ILE D 60 -35.53 -2.07 1.57
CA ILE D 60 -36.69 -1.19 1.66
C ILE D 60 -36.21 0.17 2.08
N GLY D 61 -36.48 1.19 1.27
CA GLY D 61 -36.05 2.53 1.63
C GLY D 61 -37.20 3.49 1.42
N GLY D 62 -37.45 4.34 2.41
CA GLY D 62 -38.48 5.36 2.37
C GLY D 62 -37.96 6.72 2.03
N GLU D 63 -36.66 6.85 1.77
CA GLU D 63 -36.04 8.05 1.25
C GLU D 63 -34.87 7.60 0.37
N SER D 64 -34.74 8.18 -0.81
CA SER D 64 -33.66 7.79 -1.72
C SER D 64 -32.35 8.43 -1.29
N THR D 65 -31.25 7.69 -1.51
CA THR D 65 -29.91 8.14 -1.14
C THR D 65 -29.06 8.49 -2.36
N ARG D 66 -29.64 8.57 -3.55
CA ARG D 66 -28.92 9.16 -4.67
C ARG D 66 -28.69 10.64 -4.38
N PRO D 67 -27.58 11.15 -4.93
CA PRO D 67 -27.28 12.58 -4.79
C PRO D 67 -28.44 13.38 -5.36
N GLY D 68 -28.86 14.40 -4.62
CA GLY D 68 -29.95 15.26 -5.02
C GLY D 68 -31.34 14.76 -4.66
N ALA D 69 -31.52 13.45 -4.47
CA ALA D 69 -32.83 12.88 -4.22
C ALA D 69 -33.51 13.58 -3.04
N PRO D 70 -34.85 13.71 -3.07
CA PRO D 70 -35.58 14.43 -2.01
C PRO D 70 -35.30 14.03 -0.56
N GLU D 71 -35.58 14.96 0.36
CA GLU D 71 -35.45 14.74 1.81
C GLU D 71 -36.84 14.56 2.41
N VAL D 72 -37.21 13.28 2.71
CA VAL D 72 -38.54 12.90 3.18
C VAL D 72 -38.66 13.12 4.68
N SER D 73 -39.88 13.45 5.14
CA SER D 73 -40.13 13.62 6.56
C SER D 73 -40.11 12.27 7.29
N LEU D 74 -40.06 12.33 8.63
CA LEU D 74 -39.92 11.11 9.43
C LEU D 74 -41.22 10.32 9.48
N GLN D 75 -42.33 10.98 9.75
CA GLN D 75 -43.58 10.24 9.84
C GLN D 75 -43.91 9.60 8.49
N GLU D 76 -43.60 10.30 7.40
CA GLU D 76 -43.83 9.74 6.07
C GLU D 76 -42.94 8.53 5.80
N GLU D 77 -41.65 8.63 6.13
CA GLU D 77 -40.74 7.50 5.98
C GLU D 77 -41.29 6.27 6.72
N LEU D 78 -41.88 6.50 7.91
CA LEU D 78 -42.41 5.39 8.71
C LEU D 78 -43.68 4.83 8.10
N ASP D 79 -44.51 5.68 7.49
CA ASP D 79 -45.70 5.17 6.83
C ASP D 79 -45.35 4.46 5.53
N ARG D 80 -44.21 4.80 4.92
CA ARG D 80 -43.82 4.14 3.69
C ARG D 80 -43.26 2.75 3.96
N VAL D 81 -42.61 2.51 5.09
CA VAL D 81 -41.83 1.31 5.27
C VAL D 81 -42.48 0.31 6.22
N LEU D 82 -43.18 0.75 7.28
CA LEU D 82 -43.50 -0.26 8.28
C LEU D 82 -44.59 -1.27 7.88
N PRO D 83 -45.67 -0.85 7.22
CA PRO D 83 -46.65 -1.86 6.79
C PRO D 83 -46.07 -2.85 5.78
N ILE D 84 -45.23 -2.38 4.84
N ILE D 84 -45.25 -2.35 4.86
CA ILE D 84 -44.69 -3.28 3.82
CA ILE D 84 -44.66 -3.21 3.83
C ILE D 84 -43.66 -4.22 4.43
C ILE D 84 -43.70 -4.20 4.46
N ILE D 85 -42.89 -3.76 5.42
CA ILE D 85 -41.98 -4.67 6.09
C ILE D 85 -42.77 -5.77 6.81
N GLU D 86 -43.84 -5.39 7.51
CA GLU D 86 -44.60 -6.38 8.26
C GLU D 86 -45.23 -7.40 7.32
N ALA D 87 -45.74 -6.94 6.19
CA ALA D 87 -46.39 -7.87 5.25
C ALA D 87 -45.39 -8.81 4.60
N ILE D 88 -44.20 -8.33 4.21
CA ILE D 88 -43.18 -9.25 3.70
C ILE D 88 -42.77 -10.25 4.77
N HIS D 89 -42.56 -9.76 6.01
CA HIS D 89 -42.07 -10.60 7.08
C HIS D 89 -43.02 -11.76 7.38
N GLN D 90 -44.31 -11.53 7.24
CA GLN D 90 -45.28 -12.58 7.56
C GLN D 90 -45.49 -13.58 6.43
N ARG D 91 -45.02 -13.28 5.22
CA ARG D 91 -45.24 -14.17 4.08
C ARG D 91 -43.98 -14.90 3.64
N PHE D 92 -42.80 -14.37 3.94
CA PHE D 92 -41.55 -14.87 3.36
C PHE D 92 -40.45 -14.91 4.40
N ASP D 93 -39.56 -15.90 4.27
CA ASP D 93 -38.38 -15.99 5.12
C ASP D 93 -37.20 -15.16 4.63
N THR D 94 -37.31 -14.57 3.44
CA THR D 94 -36.27 -13.75 2.85
C THR D 94 -35.82 -12.64 3.79
N TRP D 95 -34.51 -12.35 3.79
CA TRP D 95 -34.03 -11.24 4.60
C TRP D 95 -34.56 -9.91 4.12
N ILE D 96 -34.99 -9.07 5.07
CA ILE D 96 -35.42 -7.70 4.79
C ILE D 96 -34.36 -6.75 5.32
N SER D 97 -33.92 -5.83 4.47
N SER D 97 -33.92 -5.81 4.48
CA SER D 97 -33.00 -4.77 4.82
CA SER D 97 -32.97 -4.78 4.89
C SER D 97 -33.76 -3.45 4.89
C SER D 97 -33.65 -3.42 4.85
N ILE D 98 -33.53 -2.66 5.94
CA ILE D 98 -34.06 -1.30 6.02
C ILE D 98 -32.96 -0.32 5.64
N ASP D 99 -33.19 0.45 4.60
CA ASP D 99 -32.24 1.43 4.08
C ASP D 99 -32.54 2.77 4.78
N THR D 100 -31.85 3.07 5.89
CA THR D 100 -32.11 4.32 6.61
C THR D 100 -30.87 4.71 7.39
N SER D 101 -30.75 6.00 7.68
CA SER D 101 -29.78 6.52 8.64
C SER D 101 -30.41 7.00 9.93
N LYS D 102 -31.73 6.88 10.09
CA LYS D 102 -32.43 7.45 11.25
C LYS D 102 -32.64 6.37 12.29
N ALA D 103 -32.22 6.66 13.53
CA ALA D 103 -32.34 5.68 14.59
C ALA D 103 -33.79 5.25 14.80
N VAL D 104 -34.73 6.20 14.75
CA VAL D 104 -36.12 5.84 15.00
C VAL D 104 -36.64 4.86 13.96
N VAL D 105 -36.22 5.04 12.70
CA VAL D 105 -36.68 4.15 11.65
C VAL D 105 -36.04 2.78 11.83
N GLU D 107 -35.13 1.41 14.62
CA GLU D 107 -35.77 0.78 15.75
C GLU D 107 -37.11 0.20 15.37
N GLU D 108 -37.96 1.03 14.74
CA GLU D 108 -39.32 0.61 14.40
C GLU D 108 -39.32 -0.47 13.32
N ALA D 109 -38.40 -0.37 12.34
CA ALA D 109 -38.35 -1.34 11.25
C ALA D 109 -37.92 -2.70 11.75
N VAL D 110 -36.94 -2.74 12.66
CA VAL D 110 -36.55 -4.04 13.19
C VAL D 110 -37.67 -4.64 14.02
N LYS D 111 -38.40 -3.81 14.77
CA LYS D 111 -39.51 -4.34 15.56
C LYS D 111 -40.56 -5.04 14.70
N VAL D 112 -40.74 -4.64 13.44
CA VAL D 112 -41.75 -5.29 12.61
C VAL D 112 -41.14 -6.27 11.61
N GLY D 113 -39.84 -6.53 11.69
CA GLY D 113 -39.29 -7.66 10.95
C GLY D 113 -38.10 -7.43 10.05
N ALA D 114 -37.54 -6.22 10.03
CA ALA D 114 -36.31 -6.01 9.29
C ALA D 114 -35.20 -6.83 9.92
N ASP D 115 -34.35 -7.40 9.08
CA ASP D 115 -33.28 -8.30 9.49
C ASP D 115 -31.89 -7.68 9.43
N LEU D 116 -31.76 -6.54 8.79
CA LEU D 116 -30.45 -6.01 8.49
C LEU D 116 -30.65 -4.51 8.30
N ILE D 117 -29.68 -3.71 8.75
CA ILE D 117 -29.75 -2.26 8.61
C ILE D 117 -28.71 -1.84 7.58
N ASN D 118 -29.14 -1.12 6.55
CA ASN D 118 -28.24 -0.62 5.50
C ASN D 118 -28.14 0.90 5.68
N ASP D 119 -27.00 1.39 6.17
CA ASP D 119 -26.82 2.78 6.58
C ASP D 119 -25.68 3.47 5.85
N VAL D 120 -26.03 4.37 4.91
CA VAL D 120 -25.00 5.09 4.15
C VAL D 120 -24.20 6.00 5.07
N ARG D 121 -24.72 6.29 6.26
CA ARG D 121 -23.97 7.08 7.23
C ARG D 121 -23.29 6.25 8.31
N ALA D 122 -23.28 4.93 8.17
CA ALA D 122 -22.47 4.03 9.01
C ALA D 122 -22.68 4.28 10.51
N LEU D 123 -23.95 4.43 10.92
CA LEU D 123 -24.36 4.49 12.34
C LEU D 123 -23.79 5.73 13.03
N GLN D 124 -23.59 6.81 12.27
CA GLN D 124 -23.03 8.03 12.84
C GLN D 124 -24.08 9.03 13.27
N GLU D 125 -25.34 8.88 12.83
CA GLU D 125 -26.40 9.80 13.22
C GLU D 125 -26.77 9.59 14.69
N PRO D 126 -27.39 10.60 15.32
CA PRO D 126 -27.72 10.51 16.74
C PRO D 126 -28.50 9.26 17.08
N ASN D 127 -28.03 8.53 18.10
CA ASN D 127 -28.67 7.35 18.66
C ASN D 127 -28.67 6.14 17.73
N ALA D 128 -28.11 6.25 16.52
CA ALA D 128 -28.12 5.14 15.57
C ALA D 128 -27.28 3.97 16.09
N LEU D 129 -26.13 4.27 16.69
CA LEU D 129 -25.26 3.21 17.21
C LEU D 129 -25.94 2.43 18.34
N LYS D 130 -26.51 3.15 19.32
CA LYS D 130 -27.22 2.48 20.41
C LYS D 130 -28.41 1.66 19.91
N VAL D 131 -29.17 2.21 18.96
CA VAL D 131 -30.33 1.48 18.43
C VAL D 131 -29.87 0.24 17.68
N ALA D 132 -28.81 0.35 16.87
CA ALA D 132 -28.33 -0.83 16.15
C ALA D 132 -27.89 -1.92 17.10
N ALA D 133 -27.23 -1.55 18.19
CA ALA D 133 -26.75 -2.55 19.13
C ALA D 133 -27.93 -3.29 19.75
N GLU D 134 -28.95 -2.55 20.18
CA GLU D 134 -30.07 -3.19 20.83
C GLU D 134 -30.87 -4.01 19.83
N ALA D 135 -30.88 -3.60 18.56
CA ALA D 135 -31.58 -4.36 17.52
C ALA D 135 -30.94 -5.72 17.30
N ASN D 136 -29.61 -5.81 17.45
CA ASN D 136 -28.89 -7.07 17.36
C ASN D 136 -29.05 -7.70 15.96
N VAL D 137 -29.02 -6.88 14.92
CA VAL D 137 -29.04 -7.36 13.55
C VAL D 137 -27.76 -6.90 12.88
N PRO D 138 -27.38 -7.50 11.75
CA PRO D 138 -26.19 -7.02 11.02
C PRO D 138 -26.44 -5.63 10.42
N VAL D 139 -25.33 -4.95 10.16
CA VAL D 139 -25.35 -3.56 9.71
C VAL D 139 -24.37 -3.41 8.57
N CYS D 140 -24.84 -2.85 7.46
N CYS D 140 -24.86 -2.89 7.45
CA CYS D 140 -23.93 -2.51 6.36
CA CYS D 140 -24.01 -2.44 6.37
C CYS D 140 -23.50 -1.07 6.54
C CYS D 140 -23.51 -1.04 6.72
N LEU D 141 -22.19 -0.85 6.76
CA LEU D 141 -21.61 0.48 6.92
C LEU D 141 -21.06 0.94 5.58
N HIS D 143 -18.75 3.57 3.43
CA HIS D 143 -17.75 4.62 3.47
C HIS D 143 -18.14 5.69 2.46
N GLN D 145 -16.56 8.82 1.20
CA GLN D 145 -15.38 9.69 1.16
C GLN D 145 -15.74 11.13 0.77
N GLY D 146 -15.24 12.09 1.54
CA GLY D 146 -15.61 13.48 1.30
C GLY D 146 -14.78 14.14 0.22
N GLN D 147 -13.50 13.85 0.22
CA GLN D 147 -12.54 14.50 -0.66
C GLN D 147 -11.69 13.41 -1.30
N PRO D 148 -11.52 13.41 -2.62
CA PRO D 148 -10.59 12.46 -3.26
C PRO D 148 -9.17 12.60 -2.73
N ARG D 149 -8.41 11.53 -2.82
CA ARG D 149 -7.02 11.50 -2.35
C ARG D 149 -6.24 10.79 -3.43
N THR D 150 -5.30 11.48 -4.10
CA THR D 150 -4.54 10.82 -5.14
C THR D 150 -3.36 10.05 -4.56
N GLN D 152 0.30 9.03 -3.63
CA GLN D 152 1.50 9.80 -3.37
C GLN D 152 2.43 9.81 -4.57
N THR D 153 2.63 8.65 -5.22
CA THR D 153 3.58 8.53 -6.32
C THR D 153 2.95 8.76 -7.67
N ASN D 154 1.66 9.08 -7.70
CA ASN D 154 0.96 9.12 -8.98
C ASN D 154 -0.31 9.97 -8.88
N PRO D 155 -0.25 11.22 -9.30
CA PRO D 155 -1.45 12.07 -9.30
C PRO D 155 -2.55 11.64 -10.25
N SER D 156 -2.31 10.71 -11.15
CA SER D 156 -3.35 10.35 -12.11
C SER D 156 -4.36 9.36 -11.56
N TYR D 157 -4.09 8.74 -10.42
CA TYR D 157 -5.00 7.70 -9.90
C TYR D 157 -5.26 7.96 -8.41
N GLN D 158 -6.25 7.25 -7.85
CA GLN D 158 -6.65 7.45 -6.45
C GLN D 158 -5.90 6.52 -5.52
N ASP D 159 -5.62 7.02 -4.32
CA ASP D 159 -5.33 6.20 -3.16
C ASP D 159 -6.67 5.74 -2.62
N LEU D 160 -7.02 4.47 -2.88
CA LEU D 160 -8.33 3.97 -2.47
C LEU D 160 -8.42 3.51 -1.01
N PHE D 161 -7.31 3.47 -0.29
CA PHE D 161 -7.29 2.71 0.95
C PHE D 161 -6.99 3.52 2.20
N THR D 162 -6.29 4.65 2.12
CA THR D 162 -5.94 5.37 3.35
C THR D 162 -7.18 5.77 4.14
N ASP D 163 -8.14 6.41 3.48
CA ASP D 163 -9.30 6.94 4.21
C ASP D 163 -10.23 5.83 4.70
N ILE D 164 -10.51 4.83 3.87
CA ILE D 164 -11.42 3.79 4.34
C ILE D 164 -10.80 3.02 5.49
N SER D 165 -9.47 2.85 5.49
CA SER D 165 -8.87 2.11 6.59
C SER D 165 -9.03 2.85 7.91
N SER D 166 -8.79 4.15 7.90
CA SER D 166 -9.00 4.96 9.09
C SER D 166 -10.46 4.93 9.54
N PHE D 167 -11.38 5.02 8.57
CA PHE D 167 -12.81 5.02 8.85
C PHE D 167 -13.24 3.71 9.46
N LEU D 168 -12.84 2.59 8.85
CA LEU D 168 -13.24 1.27 9.35
C LEU D 168 -12.72 1.04 10.77
N SER D 169 -11.44 1.34 10.99
CA SER D 169 -10.86 1.03 12.28
C SER D 169 -11.62 1.75 13.40
N GLU D 170 -11.97 3.02 13.18
CA GLU D 170 -12.81 3.75 14.13
C GLU D 170 -14.20 3.11 14.26
N ARG D 171 -14.87 2.85 13.13
CA ARG D 171 -16.22 2.31 13.20
C ARG D 171 -16.24 0.95 13.89
N ILE D 172 -15.29 0.09 13.57
CA ILE D 172 -15.32 -1.26 14.13
C ILE D 172 -15.15 -1.19 15.63
N ASP D 173 -14.29 -0.29 16.10
N ASP D 173 -14.28 -0.29 16.10
CA ASP D 173 -14.08 -0.11 17.52
CA ASP D 173 -14.09 -0.13 17.54
C ASP D 173 -15.31 0.48 18.18
C ASP D 173 -15.34 0.46 18.18
N ALA D 174 -15.96 1.46 17.53
CA ALA D 174 -17.18 2.05 18.09
C ALA D 174 -18.29 1.00 18.19
N CYS D 175 -18.44 0.16 17.16
CA CYS D 175 -19.40 -0.93 17.23
C CYS D 175 -19.08 -1.89 18.37
N GLN D 176 -17.82 -2.31 18.46
CA GLN D 176 -17.42 -3.24 19.52
C GLN D 176 -17.72 -2.65 20.90
N SER D 177 -17.59 -1.33 21.05
CA SER D 177 -17.79 -0.71 22.35
C SER D 177 -19.27 -0.75 22.81
N VAL D 178 -20.24 -0.79 21.89
CA VAL D 178 -21.63 -0.90 22.28
C VAL D 178 -22.12 -2.34 22.14
N GLY D 179 -21.23 -3.29 21.87
CA GLY D 179 -21.60 -4.68 21.85
C GLY D 179 -21.96 -5.24 20.49
N ILE D 180 -21.55 -4.58 19.40
CA ILE D 180 -21.77 -5.09 18.06
C ILE D 180 -20.46 -5.73 17.59
N ALA D 181 -20.47 -7.05 17.40
CA ALA D 181 -19.29 -7.81 16.97
C ALA D 181 -18.97 -7.57 15.49
N LYS D 182 -17.69 -7.75 15.14
CA LYS D 182 -17.25 -7.57 13.75
C LYS D 182 -18.06 -8.41 12.78
N ASP D 183 -18.41 -9.64 13.17
CA ASP D 183 -19.10 -10.52 12.24
C ASP D 183 -20.49 -10.03 11.92
N LYS D 184 -20.92 -8.95 12.57
CA LYS D 184 -22.19 -8.33 12.24
C LYS D 184 -22.07 -7.28 11.16
N LEU D 185 -20.87 -6.89 10.75
CA LEU D 185 -20.69 -5.75 9.88
C LEU D 185 -20.47 -6.16 8.42
N ILE D 186 -21.01 -5.36 7.52
CA ILE D 186 -20.85 -5.52 6.09
C ILE D 186 -20.31 -4.19 5.58
N LEU D 187 -19.41 -4.24 4.61
CA LEU D 187 -18.73 -3.05 4.09
C LEU D 187 -19.25 -2.68 2.71
N ASP D 188 -19.82 -1.46 2.58
CA ASP D 188 -20.12 -0.89 1.27
C ASP D 188 -19.05 0.14 0.94
N PRO D 189 -18.21 -0.05 -0.08
CA PRO D 189 -17.17 0.95 -0.35
C PRO D 189 -17.71 2.26 -0.93
N GLY D 190 -18.97 2.34 -1.34
CA GLY D 190 -19.54 3.65 -1.65
C GLY D 190 -19.39 4.12 -3.08
N PHE D 191 -19.69 3.25 -4.03
CA PHE D 191 -19.77 3.69 -5.42
C PHE D 191 -20.73 4.87 -5.56
N GLY D 192 -20.34 5.83 -6.41
CA GLY D 192 -21.08 7.06 -6.56
C GLY D 192 -20.73 8.14 -5.54
N PHE D 193 -21.76 8.82 -5.02
CA PHE D 193 -21.59 9.82 -3.96
C PHE D 193 -20.55 10.84 -4.36
N GLY D 194 -20.69 11.33 -5.59
CA GLY D 194 -19.93 12.46 -6.09
C GLY D 194 -18.56 12.12 -6.61
N LYS D 195 -18.21 10.85 -6.71
CA LYS D 195 -16.91 10.48 -7.27
C LYS D 195 -16.88 10.70 -8.78
N THR D 196 -15.70 10.98 -9.31
CA THR D 196 -15.54 11.02 -10.76
C THR D 196 -15.75 9.63 -11.38
N LEU D 197 -15.96 9.64 -12.70
CA LEU D 197 -16.01 8.37 -13.44
C LEU D 197 -14.74 7.56 -13.20
N ALA D 198 -13.58 8.21 -13.30
CA ALA D 198 -12.33 7.49 -13.13
C ALA D 198 -12.25 6.84 -11.77
N HIS D 199 -12.57 7.63 -10.71
CA HIS D 199 -12.53 7.12 -9.34
C HIS D 199 -13.45 5.92 -9.15
N ASN D 200 -14.70 6.02 -9.64
CA ASN D 200 -15.65 4.91 -9.53
C ASN D 200 -15.15 3.66 -10.23
N TYR D 201 -14.58 3.83 -11.43
CA TYR D 201 -14.11 2.67 -12.18
C TYR D 201 -12.81 2.12 -11.60
N GLN D 202 -11.99 2.94 -10.92
CA GLN D 202 -10.80 2.37 -10.27
C GLN D 202 -11.22 1.58 -9.03
N LEU D 203 -12.22 2.09 -8.31
N LEU D 203 -12.24 2.07 -8.33
CA LEU D 203 -12.82 1.35 -7.21
CA LEU D 203 -12.80 1.33 -7.21
C LEU D 203 -13.29 -0.02 -7.69
C LEU D 203 -13.31 -0.02 -7.67
N LEU D 204 -14.02 -0.05 -8.80
CA LEU D 204 -14.50 -1.34 -9.31
C LEU D 204 -13.31 -2.21 -9.74
N ALA D 205 -12.33 -1.60 -10.43
CA ALA D 205 -11.18 -2.36 -10.92
C ALA D 205 -10.40 -3.01 -9.80
N GLU D 206 -10.41 -2.39 -8.62
CA GLU D 206 -9.64 -2.88 -7.49
C GLU D 206 -10.53 -3.45 -6.39
N LEU D 207 -11.81 -3.73 -6.68
CA LEU D 207 -12.74 -4.09 -5.62
C LEU D 207 -12.28 -5.32 -4.85
N GLU D 208 -11.60 -6.28 -5.48
CA GLU D 208 -11.18 -7.46 -4.72
C GLU D 208 -10.20 -7.11 -3.60
N ARG D 209 -9.47 -5.99 -3.70
CA ARG D 209 -8.56 -5.58 -2.63
C ARG D 209 -9.32 -5.25 -1.34
N PHE D 210 -10.62 -4.98 -1.43
CA PHE D 210 -11.36 -4.61 -0.23
C PHE D 210 -11.71 -5.79 0.65
N HIS D 211 -11.50 -7.01 0.19
CA HIS D 211 -11.64 -8.17 1.06
C HIS D 211 -10.60 -8.20 2.18
N GLN D 212 -9.54 -7.41 2.06
CA GLN D 212 -8.50 -7.39 3.08
C GLN D 212 -9.01 -6.93 4.45
N PHE D 213 -10.14 -6.21 4.52
CA PHE D 213 -10.61 -5.74 5.81
C PHE D 213 -11.43 -6.80 6.56
N GLY D 214 -11.62 -7.97 5.97
CA GLY D 214 -12.28 -9.09 6.62
C GLY D 214 -13.77 -9.00 6.77
N LEU D 215 -14.42 -8.08 6.07
CA LEU D 215 -15.87 -7.96 6.09
C LEU D 215 -16.43 -8.39 4.75
N PRO D 216 -17.62 -8.97 4.72
CA PRO D 216 -18.32 -9.14 3.45
C PRO D 216 -18.53 -7.80 2.79
N LEU D 217 -18.51 -7.79 1.47
CA LEU D 217 -18.65 -6.58 0.65
C LEU D 217 -20.05 -6.48 0.07
N LEU D 218 -20.60 -5.27 0.09
CA LEU D 218 -21.80 -4.93 -0.65
C LEU D 218 -21.42 -3.94 -1.76
N ALA D 219 -21.77 -4.27 -3.00
CA ALA D 219 -21.52 -3.39 -4.14
C ALA D 219 -22.87 -2.93 -4.70
N GLY D 220 -23.01 -1.61 -4.82
CA GLY D 220 -24.24 -1.00 -5.28
C GLY D 220 -23.93 -0.03 -6.40
N SER D 222 -26.01 -0.14 -9.43
CA SER D 222 -27.14 -0.25 -10.36
C SER D 222 -27.73 1.10 -10.75
N ARG D 223 -27.75 1.35 -12.07
N ARG D 223 -27.80 1.37 -12.06
CA ARG D 223 -28.35 2.56 -12.67
CA ARG D 223 -28.44 2.56 -12.61
C ARG D 223 -27.81 3.85 -12.06
C ARG D 223 -27.77 3.86 -12.16
N LYS D 224 -26.58 3.80 -11.56
CA LYS D 224 -25.91 5.01 -11.07
C LYS D 224 -25.22 5.78 -12.20
N SER D 225 -24.86 7.03 -11.90
CA SER D 225 -24.28 7.89 -12.93
C SER D 225 -23.02 7.26 -13.53
N VAL D 227 -22.63 4.44 -14.61
CA VAL D 227 -23.07 3.71 -15.77
C VAL D 227 -23.67 4.65 -16.81
N PHE D 228 -24.71 5.43 -16.44
CA PHE D 228 -25.38 6.10 -17.56
C PHE D 228 -24.61 7.32 -18.07
N LYS D 229 -23.76 7.95 -17.24
CA LYS D 229 -22.92 9.01 -17.81
C LYS D 229 -21.75 8.46 -18.63
N LEU D 230 -21.23 7.29 -18.30
CA LEU D 230 -20.23 6.65 -19.16
C LEU D 230 -20.81 6.40 -20.54
N LEU D 231 -22.00 5.82 -20.61
CA LEU D 231 -22.61 5.43 -21.86
C LEU D 231 -23.32 6.58 -22.56
N ASP D 232 -23.52 7.69 -21.85
CA ASP D 232 -24.19 8.87 -22.39
C ASP D 232 -25.63 8.53 -22.80
N VAL D 233 -26.34 7.91 -21.86
CA VAL D 233 -27.72 7.45 -22.02
C VAL D 233 -28.51 7.88 -20.79
N GLU D 234 -29.84 7.79 -20.89
CA GLU D 234 -30.70 8.05 -19.73
C GLU D 234 -30.59 6.92 -18.72
N PRO D 235 -30.85 7.18 -17.44
CA PRO D 235 -30.72 6.08 -16.46
C PRO D 235 -31.66 4.93 -16.75
N LYS D 236 -32.77 5.17 -17.47
CA LYS D 236 -33.65 4.05 -17.82
C LYS D 236 -33.07 3.17 -18.92
N ALA D 238 -29.99 2.10 -18.68
CA ALA D 238 -28.72 1.68 -18.08
C ALA D 238 -28.68 0.21 -17.69
N LEU D 239 -29.63 -0.59 -18.18
CA LEU D 239 -29.69 -1.98 -17.73
C LEU D 239 -28.40 -2.72 -18.08
N SER D 240 -28.04 -2.75 -19.38
CA SER D 240 -26.89 -3.58 -19.78
C SER D 240 -25.62 -3.16 -19.07
N GLY D 241 -25.37 -1.86 -18.98
CA GLY D 241 -24.16 -1.43 -18.29
C GLY D 241 -24.20 -1.78 -16.82
N SER D 242 -25.38 -1.75 -16.20
CA SER D 242 -25.48 -2.13 -14.80
C SER D 242 -25.19 -3.61 -14.63
N LEU D 243 -25.65 -4.44 -15.58
CA LEU D 243 -25.32 -5.86 -15.54
C LEU D 243 -23.83 -6.10 -15.72
N ALA D 244 -23.16 -5.30 -16.57
CA ALA D 244 -21.71 -5.49 -16.69
C ALA D 244 -21.00 -5.16 -15.37
N CYS D 245 -21.40 -4.07 -14.72
CA CYS D 245 -20.85 -3.71 -13.42
C CYS D 245 -21.08 -4.83 -12.40
N ALA D 246 -22.30 -5.38 -12.37
CA ALA D 246 -22.59 -6.47 -11.42
C ALA D 246 -21.72 -7.70 -11.69
N THR D 247 -21.52 -8.03 -12.99
CA THR D 247 -20.67 -9.16 -13.35
C THR D 247 -19.25 -8.96 -12.88
N ILE D 248 -18.69 -7.74 -13.11
CA ILE D 248 -17.32 -7.48 -12.68
C ILE D 248 -17.21 -7.59 -11.17
N ALA D 249 -18.18 -7.03 -10.42
CA ALA D 249 -18.16 -7.13 -8.96
C ALA D 249 -18.28 -8.56 -8.47
N ALA D 250 -19.16 -9.34 -9.09
CA ALA D 250 -19.30 -10.73 -8.69
C ALA D 250 -18.01 -11.50 -8.99
N LYS D 252 -15.13 -10.42 -8.82
CA LYS D 252 -14.22 -10.01 -7.76
C LYS D 252 -14.71 -10.40 -6.38
N GLY D 253 -15.75 -11.22 -6.29
CA GLY D 253 -16.07 -11.85 -5.04
C GLY D 253 -16.98 -11.05 -4.13
N ALA D 254 -17.61 -10.00 -4.65
CA ALA D 254 -18.54 -9.22 -3.83
C ALA D 254 -19.68 -10.08 -3.35
N GLN D 255 -19.87 -10.15 -2.03
CA GLN D 255 -20.86 -11.08 -1.48
C GLN D 255 -22.29 -10.63 -1.61
N ILE D 256 -22.54 -9.33 -1.65
CA ILE D 256 -23.90 -8.78 -1.83
C ILE D 256 -23.85 -7.77 -2.97
N ILE D 257 -24.75 -7.94 -3.93
CA ILE D 257 -24.84 -7.03 -5.06
C ILE D 257 -26.24 -6.44 -5.09
N ARG D 258 -26.32 -5.10 -4.97
CA ARG D 258 -27.59 -4.38 -4.73
C ARG D 258 -28.09 -3.78 -6.03
N VAL D 259 -29.27 -4.20 -6.47
CA VAL D 259 -29.68 -3.91 -7.85
C VAL D 259 -31.17 -3.58 -7.93
N HIS D 260 -31.52 -2.79 -8.96
CA HIS D 260 -32.91 -2.66 -9.40
C HIS D 260 -33.38 -3.86 -10.21
N ASP D 261 -32.55 -4.33 -11.14
CA ASP D 261 -32.97 -5.29 -12.17
C ASP D 261 -32.66 -6.70 -11.69
N PHE D 262 -33.48 -7.15 -10.73
CA PHE D 262 -33.09 -8.32 -9.98
C PHE D 262 -33.22 -9.59 -10.79
N GLU D 263 -34.19 -9.68 -11.70
CA GLU D 263 -34.35 -10.91 -12.46
C GLU D 263 -33.13 -11.14 -13.34
N GLN D 264 -32.65 -10.08 -14.00
CA GLN D 264 -31.50 -10.22 -14.89
C GLN D 264 -30.22 -10.42 -14.11
N THR D 265 -30.12 -9.79 -12.93
CA THR D 265 -28.92 -9.93 -12.09
C THR D 265 -28.82 -11.36 -11.55
N ASP D 267 -29.44 -13.94 -13.23
CA ASP D 267 -28.78 -14.68 -14.31
C ASP D 267 -27.28 -14.41 -14.32
N ILE D 268 -26.87 -13.15 -14.12
CA ILE D 268 -25.45 -12.90 -14.21
C ILE D 268 -24.72 -13.55 -13.05
N VAL D 269 -25.32 -13.59 -11.85
CA VAL D 269 -24.52 -14.14 -10.74
C VAL D 269 -24.41 -15.64 -10.92
N LYS D 270 -25.38 -16.27 -11.62
CA LYS D 270 -25.30 -17.70 -11.87
C LYS D 270 -24.17 -18.00 -12.81
N VAL D 271 -24.03 -17.17 -13.84
CA VAL D 271 -22.90 -17.30 -14.77
C VAL D 271 -21.59 -17.09 -14.05
N CYS D 272 -21.50 -16.03 -13.21
CA CYS D 272 -20.25 -15.74 -12.49
C CYS D 272 -19.91 -16.90 -11.57
N GLN D 273 -20.91 -17.45 -10.87
CA GLN D 273 -20.62 -18.56 -9.95
C GLN D 273 -20.13 -19.80 -10.70
N ALA D 274 -20.70 -20.08 -11.87
CA ALA D 274 -20.25 -21.21 -12.68
C ALA D 274 -18.80 -21.03 -13.11
N THR D 275 -18.44 -19.78 -13.41
CA THR D 275 -17.08 -19.49 -13.85
C THR D 275 -16.11 -19.65 -12.68
N LEU D 276 -16.46 -19.07 -11.52
CA LEU D 276 -15.56 -19.15 -10.38
C LEU D 276 -15.38 -20.58 -9.91
N GLU D 277 -16.44 -21.39 -10.03
CA GLU D 277 -16.35 -22.80 -9.62
C GLU D 277 -15.32 -23.56 -10.46
N GLN D 278 -15.05 -23.09 -11.68
CA GLN D 278 -14.12 -23.78 -12.58
C GLN D 278 -12.74 -23.11 -12.64
N SER D 279 -12.46 -22.15 -11.73
CA SER D 279 -11.25 -21.36 -11.76
C SER D 279 -10.11 -22.09 -11.04
N PRO D 280 -8.86 -21.66 -11.28
CA PRO D 280 -7.69 -22.30 -10.66
C PRO D 280 -7.70 -22.26 -9.15
#